data_1G00
# 
_entry.id   1G00 
# 
_audit_conform.dict_name       mmcif_pdbx.dic 
_audit_conform.dict_version    5.389 
_audit_conform.dict_location   http://mmcif.pdb.org/dictionaries/ascii/mmcif_pdbx.dic 
# 
loop_
_database_2.database_id 
_database_2.database_code 
_database_2.pdbx_database_accession 
_database_2.pdbx_DOI 
PDB   1G00         pdb_00001g00 10.2210/pdb1g00/pdb 
NDB   AD0010       ?            ?                   
RCSB  RCSB012062   ?            ?                   
WWPDB D_1000012062 ?            ?                   
# 
loop_
_pdbx_audit_revision_history.ordinal 
_pdbx_audit_revision_history.data_content_type 
_pdbx_audit_revision_history.major_revision 
_pdbx_audit_revision_history.minor_revision 
_pdbx_audit_revision_history.revision_date 
1 'Structure model' 1 0 2001-02-05 
2 'Structure model' 1 1 2008-04-27 
3 'Structure model' 1 2 2011-07-13 
4 'Structure model' 1 3 2017-10-04 
5 'Structure model' 1 4 2018-04-18 
6 'Structure model' 1 5 2024-02-07 
7 'Structure model' 1 6 2024-04-03 
# 
_pdbx_audit_revision_details.ordinal             1 
_pdbx_audit_revision_details.revision_ordinal    1 
_pdbx_audit_revision_details.data_content_type   'Structure model' 
_pdbx_audit_revision_details.provider            repository 
_pdbx_audit_revision_details.type                'Initial release' 
_pdbx_audit_revision_details.description         ? 
_pdbx_audit_revision_details.details             ? 
# 
loop_
_pdbx_audit_revision_group.ordinal 
_pdbx_audit_revision_group.revision_ordinal 
_pdbx_audit_revision_group.data_content_type 
_pdbx_audit_revision_group.group 
1 2 'Structure model' 'Version format compliance' 
2 3 'Structure model' 'Version format compliance' 
3 4 'Structure model' 'Refinement description'    
4 5 'Structure model' 'Data collection'           
5 6 'Structure model' 'Data collection'           
6 6 'Structure model' 'Database references'       
7 7 'Structure model' 'Refinement description'    
# 
loop_
_pdbx_audit_revision_category.ordinal 
_pdbx_audit_revision_category.revision_ordinal 
_pdbx_audit_revision_category.data_content_type 
_pdbx_audit_revision_category.category 
1 4 'Structure model' software                      
2 5 'Structure model' diffrn_detector               
3 6 'Structure model' chem_comp_atom                
4 6 'Structure model' chem_comp_bond                
5 6 'Structure model' database_2                    
6 7 'Structure model' pdbx_initial_refinement_model 
# 
loop_
_pdbx_audit_revision_item.ordinal 
_pdbx_audit_revision_item.revision_ordinal 
_pdbx_audit_revision_item.data_content_type 
_pdbx_audit_revision_item.item 
1 5 'Structure model' '_diffrn_detector.detector'           
2 6 'Structure model' '_database_2.pdbx_DOI'                
3 6 'Structure model' '_database_2.pdbx_database_accession' 
# 
_pdbx_database_status.status_code                     REL 
_pdbx_database_status.entry_id                        1G00 
_pdbx_database_status.recvd_initial_deposition_date   2000-10-05 
_pdbx_database_status.deposit_site                    NDB 
_pdbx_database_status.process_site                    NDB 
_pdbx_database_status.status_code_sf                  REL 
_pdbx_database_status.SG_entry                        . 
_pdbx_database_status.pdb_format_compatible           Y 
_pdbx_database_status.status_code_mr                  ? 
_pdbx_database_status.status_code_cs                  ? 
_pdbx_database_status.methods_development_category    ? 
_pdbx_database_status.status_code_nmr_data            ? 
# 
loop_
_audit_author.name 
_audit_author.pdbx_ordinal 
'Urpi, L.'       1 
'Navaza, J.'     2 
'Subirana, J.A.' 3 
# 
_citation.id                        primary 
_citation.title                     
'Alternation of DNA and solvent layers in the A form of d(GGCGCC) obtained by ethanol crystallization.' 
_citation.journal_abbrev            J.Biomol.Struct.Dyn. 
_citation.journal_volume            18 
_citation.page_first                363 
_citation.page_last                 369 
_citation.year                      2000 
_citation.journal_id_ASTM           JBSDD6 
_citation.country                   US 
_citation.journal_id_ISSN           0739-1102 
_citation.journal_id_CSD            0646 
_citation.book_publisher            ? 
_citation.pdbx_database_id_PubMed   11149513 
_citation.pdbx_database_id_DOI      ? 
# 
loop_
_citation_author.citation_id 
_citation_author.name 
_citation_author.ordinal 
_citation_author.identifier_ORCID 
primary 'Urpi, L.'       1 ? 
primary 'Navaza, J.'     2 ? 
primary 'Subirana, J.A.' 3 ? 
# 
loop_
_entity.id 
_entity.type 
_entity.src_method 
_entity.pdbx_description 
_entity.formula_weight 
_entity.pdbx_number_of_molecules 
_entity.pdbx_ec 
_entity.pdbx_mutation 
_entity.pdbx_fragment 
_entity.details 
1 polymer syn "5'-D(*GP*GP*CP*GP*CP*C)-3'" 1810.205 6  ? ? ? ? 
2 water   nat water                        18.015   13 ? ? ? ? 
# 
_entity_poly.entity_id                      1 
_entity_poly.type                           polydeoxyribonucleotide 
_entity_poly.nstd_linkage                   no 
_entity_poly.nstd_monomer                   no 
_entity_poly.pdbx_seq_one_letter_code       '(DG)(DG)(DC)(DG)(DC)(DC)' 
_entity_poly.pdbx_seq_one_letter_code_can   GGCGCC 
_entity_poly.pdbx_strand_id                 A,B,C,D,E,F 
_entity_poly.pdbx_target_identifier         ? 
# 
_pdbx_entity_nonpoly.entity_id   2 
_pdbx_entity_nonpoly.name        water 
_pdbx_entity_nonpoly.comp_id     HOH 
# 
loop_
_entity_poly_seq.entity_id 
_entity_poly_seq.num 
_entity_poly_seq.mon_id 
_entity_poly_seq.hetero 
1 1 DG n 
1 2 DG n 
1 3 DC n 
1 4 DG n 
1 5 DC n 
1 6 DC n 
# 
loop_
_chem_comp.id 
_chem_comp.type 
_chem_comp.mon_nstd_flag 
_chem_comp.name 
_chem_comp.pdbx_synonyms 
_chem_comp.formula 
_chem_comp.formula_weight 
DC  'DNA linking' y "2'-DEOXYCYTIDINE-5'-MONOPHOSPHATE"  ? 'C9 H14 N3 O7 P'  307.197 
DG  'DNA linking' y "2'-DEOXYGUANOSINE-5'-MONOPHOSPHATE" ? 'C10 H14 N5 O7 P' 347.221 
HOH non-polymer   . WATER                                ? 'H2 O'            18.015  
# 
loop_
_pdbx_poly_seq_scheme.asym_id 
_pdbx_poly_seq_scheme.entity_id 
_pdbx_poly_seq_scheme.seq_id 
_pdbx_poly_seq_scheme.mon_id 
_pdbx_poly_seq_scheme.ndb_seq_num 
_pdbx_poly_seq_scheme.pdb_seq_num 
_pdbx_poly_seq_scheme.auth_seq_num 
_pdbx_poly_seq_scheme.pdb_mon_id 
_pdbx_poly_seq_scheme.auth_mon_id 
_pdbx_poly_seq_scheme.pdb_strand_id 
_pdbx_poly_seq_scheme.pdb_ins_code 
_pdbx_poly_seq_scheme.hetero 
A 1 1 DG 1 1  1  DG G A . n 
A 1 2 DG 2 2  2  DG G A . n 
A 1 3 DC 3 3  3  DC C A . n 
A 1 4 DG 4 4  4  DG G A . n 
A 1 5 DC 5 5  5  DC C A . n 
A 1 6 DC 6 6  6  DC C A . n 
B 1 1 DG 1 7  7  DG G B . n 
B 1 2 DG 2 8  8  DG G B . n 
B 1 3 DC 3 9  9  DC C B . n 
B 1 4 DG 4 10 10 DG G B . n 
B 1 5 DC 5 11 11 DC C B . n 
B 1 6 DC 6 12 12 DC C B . n 
C 1 1 DG 1 13 13 DG G C . n 
C 1 2 DG 2 14 14 DG G C . n 
C 1 3 DC 3 15 15 DC C C . n 
C 1 4 DG 4 16 16 DG G C . n 
C 1 5 DC 5 17 17 DC C C . n 
C 1 6 DC 6 18 18 DC C C . n 
D 1 1 DG 1 19 19 DG G D . n 
D 1 2 DG 2 20 20 DG G D . n 
D 1 3 DC 3 21 21 DC C D . n 
D 1 4 DG 4 22 22 DG G D . n 
D 1 5 DC 5 23 23 DC C D . n 
D 1 6 DC 6 24 24 DC C D . n 
E 1 1 DG 1 25 25 DG G E . n 
E 1 2 DG 2 26 26 DG G E . n 
E 1 3 DC 3 27 27 DC C E . n 
E 1 4 DG 4 28 28 DG G E . n 
E 1 5 DC 5 29 29 DC C E . n 
E 1 6 DC 6 30 30 DC C E . n 
F 1 1 DG 1 31 31 DG G F . n 
F 1 2 DG 2 32 32 DG G F . n 
F 1 3 DC 3 33 33 DC C F . n 
F 1 4 DG 4 34 34 DG G F . n 
F 1 5 DC 5 35 35 DC C F . n 
F 1 6 DC 6 36 36 DC C F . n 
# 
loop_
_pdbx_nonpoly_scheme.asym_id 
_pdbx_nonpoly_scheme.entity_id 
_pdbx_nonpoly_scheme.mon_id 
_pdbx_nonpoly_scheme.ndb_seq_num 
_pdbx_nonpoly_scheme.pdb_seq_num 
_pdbx_nonpoly_scheme.auth_seq_num 
_pdbx_nonpoly_scheme.pdb_mon_id 
_pdbx_nonpoly_scheme.auth_mon_id 
_pdbx_nonpoly_scheme.pdb_strand_id 
_pdbx_nonpoly_scheme.pdb_ins_code 
G 2 HOH 1 101 101 HOH HOH A . 
G 2 HOH 2 106 106 HOH HOH A . 
G 2 HOH 3 109 109 HOH HOH A . 
H 2 HOH 1 103 103 HOH HOH B . 
H 2 HOH 2 110 110 HOH HOH B . 
I 2 HOH 1 105 105 HOH HOH C . 
I 2 HOH 2 108 108 HOH HOH C . 
J 2 HOH 1 104 104 HOH HOH D . 
K 2 HOH 1 102 102 HOH HOH E . 
K 2 HOH 2 111 111 HOH HOH E . 
K 2 HOH 3 112 112 HOH HOH E . 
K 2 HOH 4 113 113 HOH HOH E . 
L 2 HOH 1 107 107 HOH HOH F . 
# 
loop_
_pdbx_unobs_or_zero_occ_atoms.id 
_pdbx_unobs_or_zero_occ_atoms.PDB_model_num 
_pdbx_unobs_or_zero_occ_atoms.polymer_flag 
_pdbx_unobs_or_zero_occ_atoms.occupancy_flag 
_pdbx_unobs_or_zero_occ_atoms.auth_asym_id 
_pdbx_unobs_or_zero_occ_atoms.auth_comp_id 
_pdbx_unobs_or_zero_occ_atoms.auth_seq_id 
_pdbx_unobs_or_zero_occ_atoms.PDB_ins_code 
_pdbx_unobs_or_zero_occ_atoms.auth_atom_id 
_pdbx_unobs_or_zero_occ_atoms.label_alt_id 
_pdbx_unobs_or_zero_occ_atoms.label_asym_id 
_pdbx_unobs_or_zero_occ_atoms.label_comp_id 
_pdbx_unobs_or_zero_occ_atoms.label_seq_id 
_pdbx_unobs_or_zero_occ_atoms.label_atom_id 
1  1 Y 1 E DC 30 ? "C5'" ? E DC 6 "C5'" 
2  1 Y 1 E DC 30 ? "C4'" ? E DC 6 "C4'" 
3  1 Y 1 E DC 30 ? "O4'" ? E DC 6 "O4'" 
4  1 Y 1 E DC 30 ? "C3'" ? E DC 6 "C3'" 
5  1 Y 1 E DC 30 ? "O3'" ? E DC 6 "O3'" 
6  1 Y 1 E DC 30 ? "C2'" ? E DC 6 "C2'" 
7  1 Y 1 E DC 30 ? "C1'" ? E DC 6 "C1'" 
8  1 Y 1 E DC 30 ? N1    ? E DC 6 N1    
9  1 Y 1 E DC 30 ? C2    ? E DC 6 C2    
10 1 Y 1 E DC 30 ? O2    ? E DC 6 O2    
11 1 Y 1 E DC 30 ? N3    ? E DC 6 N3    
12 1 Y 1 E DC 30 ? C4    ? E DC 6 C4    
13 1 Y 1 E DC 30 ? N4    ? E DC 6 N4    
14 1 Y 1 E DC 30 ? C5    ? E DC 6 C5    
15 1 Y 1 E DC 30 ? C6    ? E DC 6 C6    
16 1 Y 1 F DG 31 ? "O5'" ? F DG 1 "O5'" 
17 1 Y 1 F DG 31 ? "C5'" ? F DG 1 "C5'" 
18 1 Y 1 F DG 31 ? "C4'" ? F DG 1 "C4'" 
19 1 Y 1 F DG 31 ? "O4'" ? F DG 1 "O4'" 
20 1 Y 1 F DG 31 ? "C3'" ? F DG 1 "C3'" 
21 1 Y 1 F DG 31 ? "C2'" ? F DG 1 "C2'" 
22 1 Y 1 F DG 31 ? "C1'" ? F DG 1 "C1'" 
23 1 Y 1 F DG 31 ? N9    ? F DG 1 N9    
24 1 Y 1 F DG 31 ? C8    ? F DG 1 C8    
25 1 Y 1 F DG 31 ? N7    ? F DG 1 N7    
26 1 Y 1 F DG 31 ? C5    ? F DG 1 C5    
27 1 Y 1 F DG 31 ? C6    ? F DG 1 C6    
28 1 Y 1 F DG 31 ? O6    ? F DG 1 O6    
29 1 Y 1 F DG 31 ? N1    ? F DG 1 N1    
30 1 Y 1 F DG 31 ? C2    ? F DG 1 C2    
31 1 Y 1 F DG 31 ? N2    ? F DG 1 N2    
32 1 Y 1 F DG 31 ? N3    ? F DG 1 N3    
33 1 Y 1 F DG 31 ? C4    ? F DG 1 C4    
# 
loop_
_software.name 
_software.classification 
_software.version 
_software.citation_id 
_software.pdbx_ordinal 
AMoRE     phasing          . ? 1 
SHELXL-97 refinement       . ? 2 
CAD4      'data reduction' . ? 3 
# 
_cell.entry_id           1G00 
_cell.length_a           46.149 
_cell.length_b           36.900 
_cell.length_c           110.030 
_cell.angle_alpha        90.00 
_cell.angle_beta         90.00 
_cell.angle_gamma        90.00 
_cell.Z_PDB              48 
_cell.pdbx_unique_axis   ? 
# 
_symmetry.entry_id                         1G00 
_symmetry.space_group_name_H-M             'C 2 2 21' 
_symmetry.pdbx_full_space_group_name_H-M   ? 
_symmetry.cell_setting                     ? 
_symmetry.Int_Tables_number                20 
# 
_exptl.entry_id          1G00 
_exptl.method            'X-RAY DIFFRACTION' 
_exptl.crystals_number   1 
# 
_exptl_crystal.id                    1 
_exptl_crystal.density_meas          ? 
_exptl_crystal.density_percent_sol   39.94 
_exptl_crystal.density_Matthews      2.05 
_exptl_crystal.description           ? 
# 
_exptl_crystal_grow.crystal_id      1 
_exptl_crystal_grow.method          'VAPOR DIFFUSION, SITTING DROP' 
_exptl_crystal_grow.pH              7.0 
_exptl_crystal_grow.temp            298.0 
_exptl_crystal_grow.temp_details    ? 
_exptl_crystal_grow.pdbx_details    
;ethanol, magnesium chloride, sodium cacodylate, tetra-arginine, spermine tetrachloride, pH 7.0, VAPOR DIFFUSION, SITTING DROP, temperature 298.0K
;
_exptl_crystal_grow.pdbx_pH_range   ? 
# 
loop_
_exptl_crystal_grow_comp.crystal_id 
_exptl_crystal_grow_comp.id 
_exptl_crystal_grow_comp.sol_id 
_exptl_crystal_grow_comp.name 
_exptl_crystal_grow_comp.conc 
_exptl_crystal_grow_comp.volume 
_exptl_crystal_grow_comp.details 
1 1 1 ethanol                  ? ? ? 
1 2 1 'magnesium chloride'     ? ? ? 
1 3 1 'sodium cacodylate'      ? ? ? 
1 4 1 tetra-arginine           ? ? ? 
1 5 1 'spermine tetrachloride' ? ? ? 
# 
_diffrn.id                     1 
_diffrn.ambient_temp           298.0 
_diffrn.ambient_temp_details   ? 
_diffrn.crystal_id             1 
# 
_diffrn_detector.diffrn_id              1 
_diffrn_detector.detector               DIFFRACTOMETER 
_diffrn_detector.type                   'ENRAF-NONIUS CAD4' 
_diffrn_detector.pdbx_collection_date   1988-07-14 
_diffrn_detector.details                ? 
# 
_diffrn_radiation.diffrn_id                        1 
_diffrn_radiation.wavelength_id                    1 
_diffrn_radiation.monochromator                    GRAPHITE 
_diffrn_radiation.pdbx_monochromatic_or_laue_m_l   M 
_diffrn_radiation.pdbx_diffrn_protocol             'SINGLE WAVELENGTH' 
_diffrn_radiation.pdbx_scattering_type             x-ray 
# 
_diffrn_radiation_wavelength.id           1 
_diffrn_radiation_wavelength.wavelength   1.5418 
_diffrn_radiation_wavelength.wt           1.0 
# 
_diffrn_source.diffrn_id                   1 
_diffrn_source.source                      'ROTATING ANODE' 
_diffrn_source.type                        'ELLIOTT GX-21' 
_diffrn_source.pdbx_wavelength             1.5418 
_diffrn_source.pdbx_synchrotron_site       ? 
_diffrn_source.pdbx_synchrotron_beamline   ? 
_diffrn_source.pdbx_wavelength_list        ? 
# 
_reflns.entry_id                     1G00 
_reflns.observed_criterion_sigma_I   ? 
_reflns.observed_criterion_sigma_F   1.0 
_reflns.d_resolution_low             55.015 
_reflns.d_resolution_high            2.297 
_reflns.number_obs                   3504 
_reflns.number_all                   3504 
_reflns.percent_possible_obs         79.0 
_reflns.pdbx_Rmerge_I_obs            0.0525000 
_reflns.pdbx_Rsym_value              ? 
_reflns.pdbx_netI_over_sigmaI        ? 
_reflns.B_iso_Wilson_estimate        ? 
_reflns.pdbx_redundancy              1.0 
_reflns.R_free_details               ? 
_reflns.pdbx_diffrn_id               1 
_reflns.pdbx_ordinal                 1 
# 
_reflns_shell.d_res_high             2.30 
_reflns_shell.d_res_low              2.45 
_reflns_shell.percent_possible_obs   ? 
_reflns_shell.percent_possible_all   61.8 
_reflns_shell.Rmerge_I_obs           0.2740000 
_reflns_shell.meanI_over_sigI_obs    ? 
_reflns_shell.pdbx_Rsym_value        ? 
_reflns_shell.pdbx_redundancy        1.0 
_reflns_shell.number_unique_all      456 
_reflns_shell.pdbx_diffrn_id         ? 
_reflns_shell.pdbx_ordinal           1 
# 
_refine.entry_id                                 1G00 
_refine.ls_number_reflns_obs                     2839 
_refine.ls_number_reflns_all                     3376 
_refine.pdbx_ls_sigma_I                          2.0 
_refine.pdbx_ls_sigma_F                          ? 
_refine.pdbx_data_cutoff_high_absF               ? 
_refine.pdbx_data_cutoff_low_absF                ? 
_refine.ls_d_res_low                             8.0 
_refine.ls_d_res_high                            2.3 
_refine.ls_percent_reflns_obs                    78.7 
_refine.ls_R_factor_obs                          0.2050000 
_refine.ls_R_factor_all                          0.2137000 
_refine.ls_R_factor_R_work                       0.1875000 
_refine.ls_R_factor_R_free                       0.2800000 
_refine.ls_R_factor_R_free_error                 ? 
_refine.ls_R_factor_R_free_error_details         ? 
_refine.ls_percent_reflns_R_free                 ? 
_refine.ls_number_reflns_R_free                  168 
_refine.ls_number_parameters                     2801 
_refine.ls_number_restraints                     3093 
_refine.occupancy_min                            ? 
_refine.occupancy_max                            ? 
_refine.B_iso_mean                               ? 
_refine.aniso_B[1][1]                            ? 
_refine.aniso_B[2][2]                            ? 
_refine.aniso_B[3][3]                            ? 
_refine.aniso_B[1][2]                            ? 
_refine.aniso_B[1][3]                            ? 
_refine.aniso_B[2][3]                            ? 
_refine.solvent_model_details                    ? 
_refine.solvent_model_param_ksol                 ? 
_refine.solvent_model_param_bsol                 ? 
_refine.pdbx_ls_cross_valid_method               ? 
_refine.details                                  
'Used Konnert-Hendrickson conjugate-gradient algorithm instead of the full matrix approach.' 
_refine.pdbx_starting_model                      'A-DNA form fiber' 
_refine.pdbx_method_to_determine_struct          'MOLECULAR REPLACEMENT' 
_refine.pdbx_isotropic_thermal_model             ? 
_refine.pdbx_stereochemistry_target_values       
;Clowney et al.    
Gelbin et al.    
Parkinson et al.
;
_refine.pdbx_stereochem_target_val_spec_case     ? 
_refine.pdbx_R_Free_selection_details            'Every 20 reflections one was kept for R-free calculations' 
_refine.pdbx_overall_ESU_R_Free                  ? 
_refine.overall_SU_B                             ? 
_refine.ls_redundancy_reflns_obs                 ? 
_refine.overall_SU_ML                            ? 
_refine.pdbx_overall_ESU_R                       ? 
_refine.pdbx_data_cutoff_high_rms_absF           ? 
_refine.correlation_coeff_Fo_to_Fc               ? 
_refine.correlation_coeff_Fo_to_Fc_free          ? 
_refine.overall_SU_R_Cruickshank_DPI             ? 
_refine.overall_SU_R_free                        ? 
_refine.pdbx_refine_id                           'X-RAY DIFFRACTION' 
_refine.pdbx_diffrn_id                           1 
_refine.pdbx_TLS_residual_ADP_flag               ? 
_refine.pdbx_solvent_vdw_probe_radii             ? 
_refine.pdbx_solvent_ion_probe_radii             ? 
_refine.pdbx_solvent_shrinkage_radii             ? 
_refine.pdbx_overall_phase_error                 ? 
_refine.pdbx_overall_SU_R_free_Cruickshank_DPI   ? 
_refine.pdbx_overall_SU_R_Blow_DPI               ? 
_refine.pdbx_overall_SU_R_free_Blow_DPI          ? 
# 
_refine_hist.pdbx_refine_id                   'X-RAY DIFFRACTION' 
_refine_hist.cycle_id                         LAST 
_refine_hist.pdbx_number_atoms_protein        0 
_refine_hist.pdbx_number_atoms_nucleic_acid   687 
_refine_hist.pdbx_number_atoms_ligand         0 
_refine_hist.number_atoms_solvent             13 
_refine_hist.number_atoms_total               700 
_refine_hist.d_res_high                       2.3 
_refine_hist.d_res_low                        8.0 
# 
loop_
_refine_ls_restr.type 
_refine_ls_restr.dev_ideal 
_refine_ls_restr.dev_ideal_target 
_refine_ls_restr.weight 
_refine_ls_restr.number 
_refine_ls_restr.pdbx_refine_id 
_refine_ls_restr.pdbx_restraint_function 
s_bond_d  0.005 ? ? ? 'X-RAY DIFFRACTION' ? 
s_angle_d 1.1   ? ? ? 'X-RAY DIFFRACTION' ? 
# 
_pdbx_refine.entry_id                                    1G00 
_pdbx_refine.R_factor_all_no_cutoff                      ? 
_pdbx_refine.R_factor_obs_no_cutoff                      ? 
_pdbx_refine.free_R_factor_no_cutoff                     ? 
_pdbx_refine.free_R_val_test_set_size_perc_no_cutoff     ? 
_pdbx_refine.free_R_val_test_set_ct_no_cutoff            ? 
_pdbx_refine.R_factor_all_4sig_cutoff                    0.1950000 
_pdbx_refine.R_factor_obs_4sig_cutoff                    0.1880000 
_pdbx_refine.free_R_factor_4sig_cutoff                   0.2560000 
_pdbx_refine.free_R_val_test_set_size_perc_4sig_cutoff   ? 
_pdbx_refine.free_R_val_test_set_ct_4sig_cutoff          138 
_pdbx_refine.number_reflns_obs_4sig_cutoff               2839 
_pdbx_refine.number_reflns_obs_no_cutoff                 ? 
_pdbx_refine.pdbx_refine_id                              'X-RAY DIFFRACTION' 
_pdbx_refine.free_R_error_no_cutoff                      ? 
# 
_struct.entry_id                  1G00 
_struct.title                     
'ALTERNATION OF DNA AND SOLVENT LAYERS IN THE A FORM OF D(GGCGCC) OBTAINED BY ETHANOL CRYSTALLIZATION' 
_struct.pdbx_model_details        ? 
_struct.pdbx_CASP_flag            ? 
_struct.pdbx_model_type_details   ? 
# 
_struct_keywords.entry_id        1G00 
_struct_keywords.pdbx_keywords   DNA 
_struct_keywords.text            'DOUBLE HELIX, A-DNA, DNA LAYERS, DNA' 
# 
loop_
_struct_asym.id 
_struct_asym.pdbx_blank_PDB_chainid_flag 
_struct_asym.pdbx_modified 
_struct_asym.entity_id 
_struct_asym.details 
A N N 1 ? 
B N N 1 ? 
C N N 1 ? 
D N N 1 ? 
E N N 1 ? 
F N N 1 ? 
G N N 2 ? 
H N N 2 ? 
I N N 2 ? 
J N N 2 ? 
K N N 2 ? 
L N N 2 ? 
# 
_struct_ref.id                         1 
_struct_ref.entity_id                  1 
_struct_ref.db_name                    PDB 
_struct_ref.db_code                    1G00 
_struct_ref.pdbx_db_accession          1G00 
_struct_ref.pdbx_db_isoform            ? 
_struct_ref.pdbx_seq_one_letter_code   ? 
_struct_ref.pdbx_align_begin           ? 
# 
loop_
_struct_ref_seq.align_id 
_struct_ref_seq.ref_id 
_struct_ref_seq.pdbx_PDB_id_code 
_struct_ref_seq.pdbx_strand_id 
_struct_ref_seq.seq_align_beg 
_struct_ref_seq.pdbx_seq_align_beg_ins_code 
_struct_ref_seq.seq_align_end 
_struct_ref_seq.pdbx_seq_align_end_ins_code 
_struct_ref_seq.pdbx_db_accession 
_struct_ref_seq.db_align_beg 
_struct_ref_seq.pdbx_db_align_beg_ins_code 
_struct_ref_seq.db_align_end 
_struct_ref_seq.pdbx_db_align_end_ins_code 
_struct_ref_seq.pdbx_auth_seq_align_beg 
_struct_ref_seq.pdbx_auth_seq_align_end 
1 1 1G00 A 1 ? 6 ? 1G00 1  ? 6  ? 1  6  
2 1 1G00 B 1 ? 6 ? 1G00 7  ? 12 ? 7  12 
3 1 1G00 C 1 ? 6 ? 1G00 13 ? 18 ? 13 18 
4 1 1G00 D 1 ? 6 ? 1G00 19 ? 24 ? 19 24 
5 1 1G00 E 1 ? 6 ? 1G00 25 ? 30 ? 25 30 
6 1 1G00 F 1 ? 6 ? 1G00 31 ? 36 ? 31 36 
# 
loop_
_pdbx_struct_assembly.id 
_pdbx_struct_assembly.details 
_pdbx_struct_assembly.method_details 
_pdbx_struct_assembly.oligomeric_details 
_pdbx_struct_assembly.oligomeric_count 
1 author_defined_assembly ? dimeric 2 
2 author_defined_assembly ? dimeric 2 
3 author_defined_assembly ? dimeric 2 
# 
loop_
_pdbx_struct_assembly_gen.assembly_id 
_pdbx_struct_assembly_gen.oper_expression 
_pdbx_struct_assembly_gen.asym_id_list 
1 1 A,B,G,H 
2 1 C,D,I,J 
3 1 E,F,K,L 
# 
_pdbx_struct_oper_list.id                   1 
_pdbx_struct_oper_list.type                 'identity operation' 
_pdbx_struct_oper_list.name                 1_555 
_pdbx_struct_oper_list.symmetry_operation   x,y,z 
_pdbx_struct_oper_list.matrix[1][1]         1.0000000000 
_pdbx_struct_oper_list.matrix[1][2]         0.0000000000 
_pdbx_struct_oper_list.matrix[1][3]         0.0000000000 
_pdbx_struct_oper_list.vector[1]            0.0000000000 
_pdbx_struct_oper_list.matrix[2][1]         0.0000000000 
_pdbx_struct_oper_list.matrix[2][2]         1.0000000000 
_pdbx_struct_oper_list.matrix[2][3]         0.0000000000 
_pdbx_struct_oper_list.vector[2]            0.0000000000 
_pdbx_struct_oper_list.matrix[3][1]         0.0000000000 
_pdbx_struct_oper_list.matrix[3][2]         0.0000000000 
_pdbx_struct_oper_list.matrix[3][3]         1.0000000000 
_pdbx_struct_oper_list.vector[3]            0.0000000000 
# 
loop_
_struct_biol.id 
_struct_biol.pdbx_parent_biol_id 
_struct_biol.details 
1 ? ? 
2 ? ? 
3 ? ? 
# 
loop_
_struct_conn.id 
_struct_conn.conn_type_id 
_struct_conn.pdbx_leaving_atom_flag 
_struct_conn.pdbx_PDB_id 
_struct_conn.ptnr1_label_asym_id 
_struct_conn.ptnr1_label_comp_id 
_struct_conn.ptnr1_label_seq_id 
_struct_conn.ptnr1_label_atom_id 
_struct_conn.pdbx_ptnr1_label_alt_id 
_struct_conn.pdbx_ptnr1_PDB_ins_code 
_struct_conn.pdbx_ptnr1_standard_comp_id 
_struct_conn.ptnr1_symmetry 
_struct_conn.ptnr2_label_asym_id 
_struct_conn.ptnr2_label_comp_id 
_struct_conn.ptnr2_label_seq_id 
_struct_conn.ptnr2_label_atom_id 
_struct_conn.pdbx_ptnr2_label_alt_id 
_struct_conn.pdbx_ptnr2_PDB_ins_code 
_struct_conn.ptnr1_auth_asym_id 
_struct_conn.ptnr1_auth_comp_id 
_struct_conn.ptnr1_auth_seq_id 
_struct_conn.ptnr2_auth_asym_id 
_struct_conn.ptnr2_auth_comp_id 
_struct_conn.ptnr2_auth_seq_id 
_struct_conn.ptnr2_symmetry 
_struct_conn.pdbx_ptnr3_label_atom_id 
_struct_conn.pdbx_ptnr3_label_seq_id 
_struct_conn.pdbx_ptnr3_label_comp_id 
_struct_conn.pdbx_ptnr3_label_asym_id 
_struct_conn.pdbx_ptnr3_label_alt_id 
_struct_conn.pdbx_ptnr3_PDB_ins_code 
_struct_conn.details 
_struct_conn.pdbx_dist_value 
_struct_conn.pdbx_value_order 
_struct_conn.pdbx_role 
hydrog1  hydrog ? ? A DG 1 N1 ? ? ? 1_555 B DC 6 N3 ? ? A DG 1  B DC 12 1_555 ? ? ? ? ? ? WATSON-CRICK ? ? ? 
hydrog2  hydrog ? ? A DG 1 N2 ? ? ? 1_555 B DC 6 O2 ? ? A DG 1  B DC 12 1_555 ? ? ? ? ? ? WATSON-CRICK ? ? ? 
hydrog3  hydrog ? ? A DG 1 O6 ? ? ? 1_555 B DC 6 N4 ? ? A DG 1  B DC 12 1_555 ? ? ? ? ? ? WATSON-CRICK ? ? ? 
hydrog4  hydrog ? ? A DG 2 N1 ? ? ? 1_555 B DC 5 N3 ? ? A DG 2  B DC 11 1_555 ? ? ? ? ? ? WATSON-CRICK ? ? ? 
hydrog5  hydrog ? ? A DG 2 N2 ? ? ? 1_555 B DC 5 O2 ? ? A DG 2  B DC 11 1_555 ? ? ? ? ? ? WATSON-CRICK ? ? ? 
hydrog6  hydrog ? ? A DG 2 O6 ? ? ? 1_555 B DC 5 N4 ? ? A DG 2  B DC 11 1_555 ? ? ? ? ? ? WATSON-CRICK ? ? ? 
hydrog7  hydrog ? ? A DC 3 N3 ? ? ? 1_555 B DG 4 N1 ? ? A DC 3  B DG 10 1_555 ? ? ? ? ? ? WATSON-CRICK ? ? ? 
hydrog8  hydrog ? ? A DC 3 N4 ? ? ? 1_555 B DG 4 O6 ? ? A DC 3  B DG 10 1_555 ? ? ? ? ? ? WATSON-CRICK ? ? ? 
hydrog9  hydrog ? ? A DC 3 O2 ? ? ? 1_555 B DG 4 N2 ? ? A DC 3  B DG 10 1_555 ? ? ? ? ? ? WATSON-CRICK ? ? ? 
hydrog10 hydrog ? ? A DG 4 N1 ? ? ? 1_555 B DC 3 N3 ? ? A DG 4  B DC 9  1_555 ? ? ? ? ? ? WATSON-CRICK ? ? ? 
hydrog11 hydrog ? ? A DG 4 N2 ? ? ? 1_555 B DC 3 O2 ? ? A DG 4  B DC 9  1_555 ? ? ? ? ? ? WATSON-CRICK ? ? ? 
hydrog12 hydrog ? ? A DG 4 O6 ? ? ? 1_555 B DC 3 N4 ? ? A DG 4  B DC 9  1_555 ? ? ? ? ? ? WATSON-CRICK ? ? ? 
hydrog13 hydrog ? ? A DC 5 N3 ? ? ? 1_555 B DG 2 N1 ? ? A DC 5  B DG 8  1_555 ? ? ? ? ? ? WATSON-CRICK ? ? ? 
hydrog14 hydrog ? ? A DC 5 N4 ? ? ? 1_555 B DG 2 O6 ? ? A DC 5  B DG 8  1_555 ? ? ? ? ? ? WATSON-CRICK ? ? ? 
hydrog15 hydrog ? ? A DC 5 O2 ? ? ? 1_555 B DG 2 N2 ? ? A DC 5  B DG 8  1_555 ? ? ? ? ? ? WATSON-CRICK ? ? ? 
hydrog16 hydrog ? ? A DC 6 N3 ? ? ? 1_555 B DG 1 N1 ? ? A DC 6  B DG 7  1_555 ? ? ? ? ? ? WATSON-CRICK ? ? ? 
hydrog17 hydrog ? ? A DC 6 N4 ? ? ? 1_555 B DG 1 O6 ? ? A DC 6  B DG 7  1_555 ? ? ? ? ? ? WATSON-CRICK ? ? ? 
hydrog18 hydrog ? ? A DC 6 O2 ? ? ? 1_555 B DG 1 N2 ? ? A DC 6  B DG 7  1_555 ? ? ? ? ? ? WATSON-CRICK ? ? ? 
hydrog19 hydrog ? ? C DG 1 N1 ? ? ? 1_555 D DC 6 N3 ? ? C DG 13 D DC 24 1_555 ? ? ? ? ? ? WATSON-CRICK ? ? ? 
hydrog20 hydrog ? ? C DG 1 N2 ? ? ? 1_555 D DC 6 O2 ? ? C DG 13 D DC 24 1_555 ? ? ? ? ? ? WATSON-CRICK ? ? ? 
hydrog21 hydrog ? ? C DG 1 O6 ? ? ? 1_555 D DC 6 N4 ? ? C DG 13 D DC 24 1_555 ? ? ? ? ? ? WATSON-CRICK ? ? ? 
hydrog22 hydrog ? ? C DG 2 N1 ? ? ? 1_555 D DC 5 N3 ? ? C DG 14 D DC 23 1_555 ? ? ? ? ? ? WATSON-CRICK ? ? ? 
hydrog23 hydrog ? ? C DG 2 N2 ? ? ? 1_555 D DC 5 O2 ? ? C DG 14 D DC 23 1_555 ? ? ? ? ? ? WATSON-CRICK ? ? ? 
hydrog24 hydrog ? ? C DG 2 O6 ? ? ? 1_555 D DC 5 N4 ? ? C DG 14 D DC 23 1_555 ? ? ? ? ? ? WATSON-CRICK ? ? ? 
hydrog25 hydrog ? ? C DC 3 N3 ? ? ? 1_555 D DG 4 N1 ? ? C DC 15 D DG 22 1_555 ? ? ? ? ? ? WATSON-CRICK ? ? ? 
hydrog26 hydrog ? ? C DC 3 N4 ? ? ? 1_555 D DG 4 O6 ? ? C DC 15 D DG 22 1_555 ? ? ? ? ? ? WATSON-CRICK ? ? ? 
hydrog27 hydrog ? ? C DC 3 O2 ? ? ? 1_555 D DG 4 N2 ? ? C DC 15 D DG 22 1_555 ? ? ? ? ? ? WATSON-CRICK ? ? ? 
hydrog28 hydrog ? ? C DG 4 N1 ? ? ? 1_555 D DC 3 N3 ? ? C DG 16 D DC 21 1_555 ? ? ? ? ? ? WATSON-CRICK ? ? ? 
hydrog29 hydrog ? ? C DG 4 N2 ? ? ? 1_555 D DC 3 O2 ? ? C DG 16 D DC 21 1_555 ? ? ? ? ? ? WATSON-CRICK ? ? ? 
hydrog30 hydrog ? ? C DG 4 O6 ? ? ? 1_555 D DC 3 N4 ? ? C DG 16 D DC 21 1_555 ? ? ? ? ? ? WATSON-CRICK ? ? ? 
hydrog31 hydrog ? ? C DC 5 N3 ? ? ? 1_555 D DG 2 N1 ? ? C DC 17 D DG 20 1_555 ? ? ? ? ? ? WATSON-CRICK ? ? ? 
hydrog32 hydrog ? ? C DC 5 N4 ? ? ? 1_555 D DG 2 O6 ? ? C DC 17 D DG 20 1_555 ? ? ? ? ? ? WATSON-CRICK ? ? ? 
hydrog33 hydrog ? ? C DC 5 O2 ? ? ? 1_555 D DG 2 N2 ? ? C DC 17 D DG 20 1_555 ? ? ? ? ? ? WATSON-CRICK ? ? ? 
hydrog34 hydrog ? ? C DC 6 N3 ? ? ? 1_555 D DG 1 N1 ? ? C DC 18 D DG 19 1_555 ? ? ? ? ? ? WATSON-CRICK ? ? ? 
hydrog35 hydrog ? ? C DC 6 N4 ? ? ? 1_555 D DG 1 O6 ? ? C DC 18 D DG 19 1_555 ? ? ? ? ? ? WATSON-CRICK ? ? ? 
hydrog36 hydrog ? ? C DC 6 O2 ? ? ? 1_555 D DG 1 N2 ? ? C DC 18 D DG 19 1_555 ? ? ? ? ? ? WATSON-CRICK ? ? ? 
hydrog37 hydrog ? ? E DG 1 N1 ? ? ? 1_555 F DC 6 N3 ? ? E DG 25 F DC 36 1_555 ? ? ? ? ? ? WATSON-CRICK ? ? ? 
hydrog38 hydrog ? ? E DG 1 N2 ? ? ? 1_555 F DC 6 O2 ? ? E DG 25 F DC 36 1_555 ? ? ? ? ? ? WATSON-CRICK ? ? ? 
hydrog39 hydrog ? ? E DG 1 O6 ? ? ? 1_555 F DC 6 N4 ? ? E DG 25 F DC 36 1_555 ? ? ? ? ? ? WATSON-CRICK ? ? ? 
hydrog40 hydrog ? ? E DG 2 N1 ? ? ? 1_555 F DC 5 N3 ? ? E DG 26 F DC 35 1_555 ? ? ? ? ? ? WATSON-CRICK ? ? ? 
hydrog41 hydrog ? ? E DG 2 N2 ? ? ? 1_555 F DC 5 O2 ? ? E DG 26 F DC 35 1_555 ? ? ? ? ? ? WATSON-CRICK ? ? ? 
hydrog42 hydrog ? ? E DG 2 O6 ? ? ? 1_555 F DC 5 N4 ? ? E DG 26 F DC 35 1_555 ? ? ? ? ? ? WATSON-CRICK ? ? ? 
hydrog43 hydrog ? ? E DC 3 N3 ? ? ? 1_555 F DG 4 N1 ? ? E DC 27 F DG 34 1_555 ? ? ? ? ? ? WATSON-CRICK ? ? ? 
hydrog44 hydrog ? ? E DC 3 N4 ? ? ? 1_555 F DG 4 O6 ? ? E DC 27 F DG 34 1_555 ? ? ? ? ? ? WATSON-CRICK ? ? ? 
hydrog45 hydrog ? ? E DC 3 O2 ? ? ? 1_555 F DG 4 N2 ? ? E DC 27 F DG 34 1_555 ? ? ? ? ? ? WATSON-CRICK ? ? ? 
hydrog46 hydrog ? ? E DG 4 N1 ? ? ? 1_555 F DC 3 N3 ? ? E DG 28 F DC 33 1_555 ? ? ? ? ? ? WATSON-CRICK ? ? ? 
hydrog47 hydrog ? ? E DG 4 N2 ? ? ? 1_555 F DC 3 O2 ? ? E DG 28 F DC 33 1_555 ? ? ? ? ? ? WATSON-CRICK ? ? ? 
hydrog48 hydrog ? ? E DG 4 O6 ? ? ? 1_555 F DC 3 N4 ? ? E DG 28 F DC 33 1_555 ? ? ? ? ? ? WATSON-CRICK ? ? ? 
hydrog49 hydrog ? ? E DC 5 N3 ? ? ? 1_555 F DG 2 N1 ? ? E DC 29 F DG 32 1_555 ? ? ? ? ? ? WATSON-CRICK ? ? ? 
hydrog50 hydrog ? ? E DC 5 N4 ? ? ? 1_555 F DG 2 O6 ? ? E DC 29 F DG 32 1_555 ? ? ? ? ? ? WATSON-CRICK ? ? ? 
hydrog51 hydrog ? ? E DC 5 O2 ? ? ? 1_555 F DG 2 N2 ? ? E DC 29 F DG 32 1_555 ? ? ? ? ? ? WATSON-CRICK ? ? ? 
# 
_struct_conn_type.id          hydrog 
_struct_conn_type.criteria    ? 
_struct_conn_type.reference   ? 
# 
loop_
_pdbx_validate_rmsd_angle.id 
_pdbx_validate_rmsd_angle.PDB_model_num 
_pdbx_validate_rmsd_angle.auth_atom_id_1 
_pdbx_validate_rmsd_angle.auth_asym_id_1 
_pdbx_validate_rmsd_angle.auth_comp_id_1 
_pdbx_validate_rmsd_angle.auth_seq_id_1 
_pdbx_validate_rmsd_angle.PDB_ins_code_1 
_pdbx_validate_rmsd_angle.label_alt_id_1 
_pdbx_validate_rmsd_angle.auth_atom_id_2 
_pdbx_validate_rmsd_angle.auth_asym_id_2 
_pdbx_validate_rmsd_angle.auth_comp_id_2 
_pdbx_validate_rmsd_angle.auth_seq_id_2 
_pdbx_validate_rmsd_angle.PDB_ins_code_2 
_pdbx_validate_rmsd_angle.label_alt_id_2 
_pdbx_validate_rmsd_angle.auth_atom_id_3 
_pdbx_validate_rmsd_angle.auth_asym_id_3 
_pdbx_validate_rmsd_angle.auth_comp_id_3 
_pdbx_validate_rmsd_angle.auth_seq_id_3 
_pdbx_validate_rmsd_angle.PDB_ins_code_3 
_pdbx_validate_rmsd_angle.label_alt_id_3 
_pdbx_validate_rmsd_angle.angle_value 
_pdbx_validate_rmsd_angle.angle_target_value 
_pdbx_validate_rmsd_angle.angle_deviation 
_pdbx_validate_rmsd_angle.angle_standard_deviation 
_pdbx_validate_rmsd_angle.linker_flag 
1 1 "O4'" B DC 11 ? ? "C4'" B DC 11 ? ? "C3'" B DC 11 ? ? 101.98 104.50 -2.52 0.40 N 
2 1 "O4'" E DC 29 ? ? "C4'" E DC 29 ? ? "C3'" E DC 29 ? ? 101.90 104.50 -2.60 0.40 N 
# 
_pdbx_struct_special_symmetry.id              1 
_pdbx_struct_special_symmetry.PDB_model_num   1 
_pdbx_struct_special_symmetry.auth_asym_id    B 
_pdbx_struct_special_symmetry.auth_comp_id    HOH 
_pdbx_struct_special_symmetry.auth_seq_id     103 
_pdbx_struct_special_symmetry.PDB_ins_code    ? 
_pdbx_struct_special_symmetry.label_asym_id   H 
_pdbx_struct_special_symmetry.label_comp_id   HOH 
_pdbx_struct_special_symmetry.label_seq_id    . 
# 
loop_
_chem_comp_atom.comp_id 
_chem_comp_atom.atom_id 
_chem_comp_atom.type_symbol 
_chem_comp_atom.pdbx_aromatic_flag 
_chem_comp_atom.pdbx_stereo_config 
_chem_comp_atom.pdbx_ordinal 
DC  OP3    O N N 1  
DC  P      P N N 2  
DC  OP1    O N N 3  
DC  OP2    O N N 4  
DC  "O5'"  O N N 5  
DC  "C5'"  C N N 6  
DC  "C4'"  C N R 7  
DC  "O4'"  O N N 8  
DC  "C3'"  C N S 9  
DC  "O3'"  O N N 10 
DC  "C2'"  C N N 11 
DC  "C1'"  C N R 12 
DC  N1     N N N 13 
DC  C2     C N N 14 
DC  O2     O N N 15 
DC  N3     N N N 16 
DC  C4     C N N 17 
DC  N4     N N N 18 
DC  C5     C N N 19 
DC  C6     C N N 20 
DC  HOP3   H N N 21 
DC  HOP2   H N N 22 
DC  "H5'"  H N N 23 
DC  "H5''" H N N 24 
DC  "H4'"  H N N 25 
DC  "H3'"  H N N 26 
DC  "HO3'" H N N 27 
DC  "H2'"  H N N 28 
DC  "H2''" H N N 29 
DC  "H1'"  H N N 30 
DC  H41    H N N 31 
DC  H42    H N N 32 
DC  H5     H N N 33 
DC  H6     H N N 34 
DG  OP3    O N N 35 
DG  P      P N N 36 
DG  OP1    O N N 37 
DG  OP2    O N N 38 
DG  "O5'"  O N N 39 
DG  "C5'"  C N N 40 
DG  "C4'"  C N R 41 
DG  "O4'"  O N N 42 
DG  "C3'"  C N S 43 
DG  "O3'"  O N N 44 
DG  "C2'"  C N N 45 
DG  "C1'"  C N R 46 
DG  N9     N Y N 47 
DG  C8     C Y N 48 
DG  N7     N Y N 49 
DG  C5     C Y N 50 
DG  C6     C N N 51 
DG  O6     O N N 52 
DG  N1     N N N 53 
DG  C2     C N N 54 
DG  N2     N N N 55 
DG  N3     N N N 56 
DG  C4     C Y N 57 
DG  HOP3   H N N 58 
DG  HOP2   H N N 59 
DG  "H5'"  H N N 60 
DG  "H5''" H N N 61 
DG  "H4'"  H N N 62 
DG  "H3'"  H N N 63 
DG  "HO3'" H N N 64 
DG  "H2'"  H N N 65 
DG  "H2''" H N N 66 
DG  "H1'"  H N N 67 
DG  H8     H N N 68 
DG  H1     H N N 69 
DG  H21    H N N 70 
DG  H22    H N N 71 
HOH O      O N N 72 
HOH H1     H N N 73 
HOH H2     H N N 74 
# 
loop_
_chem_comp_bond.comp_id 
_chem_comp_bond.atom_id_1 
_chem_comp_bond.atom_id_2 
_chem_comp_bond.value_order 
_chem_comp_bond.pdbx_aromatic_flag 
_chem_comp_bond.pdbx_stereo_config 
_chem_comp_bond.pdbx_ordinal 
DC  OP3   P      sing N N 1  
DC  OP3   HOP3   sing N N 2  
DC  P     OP1    doub N N 3  
DC  P     OP2    sing N N 4  
DC  P     "O5'"  sing N N 5  
DC  OP2   HOP2   sing N N 6  
DC  "O5'" "C5'"  sing N N 7  
DC  "C5'" "C4'"  sing N N 8  
DC  "C5'" "H5'"  sing N N 9  
DC  "C5'" "H5''" sing N N 10 
DC  "C4'" "O4'"  sing N N 11 
DC  "C4'" "C3'"  sing N N 12 
DC  "C4'" "H4'"  sing N N 13 
DC  "O4'" "C1'"  sing N N 14 
DC  "C3'" "O3'"  sing N N 15 
DC  "C3'" "C2'"  sing N N 16 
DC  "C3'" "H3'"  sing N N 17 
DC  "O3'" "HO3'" sing N N 18 
DC  "C2'" "C1'"  sing N N 19 
DC  "C2'" "H2'"  sing N N 20 
DC  "C2'" "H2''" sing N N 21 
DC  "C1'" N1     sing N N 22 
DC  "C1'" "H1'"  sing N N 23 
DC  N1    C2     sing N N 24 
DC  N1    C6     sing N N 25 
DC  C2    O2     doub N N 26 
DC  C2    N3     sing N N 27 
DC  N3    C4     doub N N 28 
DC  C4    N4     sing N N 29 
DC  C4    C5     sing N N 30 
DC  N4    H41    sing N N 31 
DC  N4    H42    sing N N 32 
DC  C5    C6     doub N N 33 
DC  C5    H5     sing N N 34 
DC  C6    H6     sing N N 35 
DG  OP3   P      sing N N 36 
DG  OP3   HOP3   sing N N 37 
DG  P     OP1    doub N N 38 
DG  P     OP2    sing N N 39 
DG  P     "O5'"  sing N N 40 
DG  OP2   HOP2   sing N N 41 
DG  "O5'" "C5'"  sing N N 42 
DG  "C5'" "C4'"  sing N N 43 
DG  "C5'" "H5'"  sing N N 44 
DG  "C5'" "H5''" sing N N 45 
DG  "C4'" "O4'"  sing N N 46 
DG  "C4'" "C3'"  sing N N 47 
DG  "C4'" "H4'"  sing N N 48 
DG  "O4'" "C1'"  sing N N 49 
DG  "C3'" "O3'"  sing N N 50 
DG  "C3'" "C2'"  sing N N 51 
DG  "C3'" "H3'"  sing N N 52 
DG  "O3'" "HO3'" sing N N 53 
DG  "C2'" "C1'"  sing N N 54 
DG  "C2'" "H2'"  sing N N 55 
DG  "C2'" "H2''" sing N N 56 
DG  "C1'" N9     sing N N 57 
DG  "C1'" "H1'"  sing N N 58 
DG  N9    C8     sing Y N 59 
DG  N9    C4     sing Y N 60 
DG  C8    N7     doub Y N 61 
DG  C8    H8     sing N N 62 
DG  N7    C5     sing Y N 63 
DG  C5    C6     sing N N 64 
DG  C5    C4     doub Y N 65 
DG  C6    O6     doub N N 66 
DG  C6    N1     sing N N 67 
DG  N1    C2     sing N N 68 
DG  N1    H1     sing N N 69 
DG  C2    N2     sing N N 70 
DG  C2    N3     doub N N 71 
DG  N2    H21    sing N N 72 
DG  N2    H22    sing N N 73 
DG  N3    C4     sing N N 74 
HOH O     H1     sing N N 75 
HOH O     H2     sing N N 76 
# 
_ndb_struct_conf_na.entry_id   1G00 
_ndb_struct_conf_na.feature    'a-form double helix' 
# 
loop_
_ndb_struct_na_base_pair.model_number 
_ndb_struct_na_base_pair.i_label_asym_id 
_ndb_struct_na_base_pair.i_label_comp_id 
_ndb_struct_na_base_pair.i_label_seq_id 
_ndb_struct_na_base_pair.i_symmetry 
_ndb_struct_na_base_pair.j_label_asym_id 
_ndb_struct_na_base_pair.j_label_comp_id 
_ndb_struct_na_base_pair.j_label_seq_id 
_ndb_struct_na_base_pair.j_symmetry 
_ndb_struct_na_base_pair.shear 
_ndb_struct_na_base_pair.stretch 
_ndb_struct_na_base_pair.stagger 
_ndb_struct_na_base_pair.buckle 
_ndb_struct_na_base_pair.propeller 
_ndb_struct_na_base_pair.opening 
_ndb_struct_na_base_pair.pair_number 
_ndb_struct_na_base_pair.pair_name 
_ndb_struct_na_base_pair.i_auth_asym_id 
_ndb_struct_na_base_pair.i_auth_seq_id 
_ndb_struct_na_base_pair.i_PDB_ins_code 
_ndb_struct_na_base_pair.j_auth_asym_id 
_ndb_struct_na_base_pair.j_auth_seq_id 
_ndb_struct_na_base_pair.j_PDB_ins_code 
_ndb_struct_na_base_pair.hbond_type_28 
_ndb_struct_na_base_pair.hbond_type_12 
1 A DG 1 1_555 B DC 6 1_555 -0.084 -0.116 -0.232 -7.000  -0.360  4.774  1  A_DG1:DC12_B  A 1  ? B 12 ? 19 1 
1 A DG 2 1_555 B DC 5 1_555 0.044  -0.265 -0.075 -2.320  -1.979  2.983  2  A_DG2:DC11_B  A 2  ? B 11 ? 19 1 
1 A DC 3 1_555 B DG 4 1_555 0.251  -0.282 -0.011 0.776   -14.304 4.845  3  A_DC3:DG10_B  A 3  ? B 10 ? 19 1 
1 A DG 4 1_555 B DC 3 1_555 0.075  -0.264 -0.405 -4.700  -17.519 6.888  4  A_DG4:DC9_B   A 4  ? B 9  ? 19 1 
1 A DC 5 1_555 B DG 2 1_555 0.191  -0.072 0.355  -2.536  -12.924 -1.474 5  A_DC5:DG8_B   A 5  ? B 8  ? 19 1 
1 A DC 6 1_555 B DG 1 1_555 0.754  -0.141 0.205  2.322   -6.577  7.734  6  A_DC6:DG7_B   A 6  ? B 7  ? 19 1 
1 C DG 1 1_555 D DC 6 1_555 -0.175 -0.374 -0.763 -10.396 1.933   1.473  7  C_DG13:DC24_D C 13 ? D 24 ? 19 1 
1 C DG 2 1_555 D DC 5 1_555 -0.372 -0.466 -0.363 -0.972  -7.483  -1.592 8  C_DG14:DC23_D C 14 ? D 23 ? 19 1 
1 C DC 3 1_555 D DG 4 1_555 -1.016 -0.439 -0.386 6.145   -6.685  -2.694 9  C_DC15:DG22_D C 15 ? D 22 ? 19 1 
1 C DG 4 1_555 D DC 3 1_555 -0.600 -0.288 -0.242 -7.855  -14.244 4.374  10 C_DG16:DC21_D C 16 ? D 21 ? 19 1 
1 C DC 5 1_555 D DG 2 1_555 0.588  -0.364 -0.123 -0.682  -10.267 -2.708 11 C_DC17:DG20_D C 17 ? D 20 ? 19 1 
1 C DC 6 1_555 D DG 1 1_555 0.096  -0.355 -0.282 4.530   -8.931  -1.975 12 C_DC18:DG19_D C 18 ? D 19 ? 19 1 
1 E DG 1 1_555 F DC 6 1_555 -0.716 -0.333 0.010  6.674   -6.919  1.639  13 E_DG25:DC36_F E 25 ? F 36 ? 19 1 
1 E DG 2 1_555 F DC 5 1_555 -0.462 -0.360 -0.406 -8.799  -16.965 5.471  14 E_DG26:DC35_F E 26 ? F 35 ? 19 1 
1 E DC 3 1_555 F DG 4 1_555 -0.315 -0.320 -0.218 7.064   -14.810 -1.744 15 E_DC27:DG34_F E 27 ? F 34 ? 19 1 
1 E DG 4 1_555 F DC 3 1_555 0.909  -0.327 -0.085 -4.053  -9.740  0.874  16 E_DG28:DC33_F E 28 ? F 33 ? 19 1 
1 E DC 5 1_555 F DG 2 1_555 0.237  -0.342 -0.036 4.237   -6.968  -1.161 17 E_DC29:DG32_F E 29 ? F 32 ? 19 1 
# 
loop_
_ndb_struct_na_base_pair_step.model_number 
_ndb_struct_na_base_pair_step.i_label_asym_id_1 
_ndb_struct_na_base_pair_step.i_label_comp_id_1 
_ndb_struct_na_base_pair_step.i_label_seq_id_1 
_ndb_struct_na_base_pair_step.i_symmetry_1 
_ndb_struct_na_base_pair_step.j_label_asym_id_1 
_ndb_struct_na_base_pair_step.j_label_comp_id_1 
_ndb_struct_na_base_pair_step.j_label_seq_id_1 
_ndb_struct_na_base_pair_step.j_symmetry_1 
_ndb_struct_na_base_pair_step.i_label_asym_id_2 
_ndb_struct_na_base_pair_step.i_label_comp_id_2 
_ndb_struct_na_base_pair_step.i_label_seq_id_2 
_ndb_struct_na_base_pair_step.i_symmetry_2 
_ndb_struct_na_base_pair_step.j_label_asym_id_2 
_ndb_struct_na_base_pair_step.j_label_comp_id_2 
_ndb_struct_na_base_pair_step.j_label_seq_id_2 
_ndb_struct_na_base_pair_step.j_symmetry_2 
_ndb_struct_na_base_pair_step.shift 
_ndb_struct_na_base_pair_step.slide 
_ndb_struct_na_base_pair_step.rise 
_ndb_struct_na_base_pair_step.tilt 
_ndb_struct_na_base_pair_step.roll 
_ndb_struct_na_base_pair_step.twist 
_ndb_struct_na_base_pair_step.x_displacement 
_ndb_struct_na_base_pair_step.y_displacement 
_ndb_struct_na_base_pair_step.helical_rise 
_ndb_struct_na_base_pair_step.inclination 
_ndb_struct_na_base_pair_step.tip 
_ndb_struct_na_base_pair_step.helical_twist 
_ndb_struct_na_base_pair_step.step_number 
_ndb_struct_na_base_pair_step.step_name 
_ndb_struct_na_base_pair_step.i_auth_asym_id_1 
_ndb_struct_na_base_pair_step.i_auth_seq_id_1 
_ndb_struct_na_base_pair_step.i_PDB_ins_code_1 
_ndb_struct_na_base_pair_step.j_auth_asym_id_1 
_ndb_struct_na_base_pair_step.j_auth_seq_id_1 
_ndb_struct_na_base_pair_step.j_PDB_ins_code_1 
_ndb_struct_na_base_pair_step.i_auth_asym_id_2 
_ndb_struct_na_base_pair_step.i_auth_seq_id_2 
_ndb_struct_na_base_pair_step.i_PDB_ins_code_2 
_ndb_struct_na_base_pair_step.j_auth_asym_id_2 
_ndb_struct_na_base_pair_step.j_auth_seq_id_2 
_ndb_struct_na_base_pair_step.j_PDB_ins_code_2 
1 A DG 1 1_555 B DC 6 1_555 A DG 2 1_555 B DC 5 1_555 -0.760 -1.695 3.085 -4.973 10.708 31.142 -4.535 0.597  2.472 19.106 8.874   
33.253 1  AA_DG1DG2:DC11DC12_BB   A 1  ? B 12 ? A 2  ? B 11 ? 
1 A DG 2 1_555 B DC 5 1_555 A DC 3 1_555 B DG 4 1_555 0.185  -1.485 3.316 0.269  5.857  30.664 -3.843 -0.294 2.989 10.950 -0.503  
31.207 2  AA_DG2DC3:DG10DC11_BB   A 2  ? B 11 ? A 3  ? B 10 ? 
1 A DC 3 1_555 B DG 4 1_555 A DG 4 1_555 B DC 3 1_555 -0.327 -1.495 3.450 5.927  13.568 29.560 -4.831 1.535  2.442 24.733 -10.804 
32.987 3  AA_DC3DG4:DC9DG10_BB    A 3  ? B 10 ? A 4  ? B 9  ? 
1 A DG 4 1_555 B DC 3 1_555 A DC 5 1_555 B DG 2 1_555 -0.493 -0.950 3.282 -6.928 13.802 29.655 -3.862 -0.248 2.643 24.950 12.523  
33.355 4  AA_DG4DC5:DG8DC9_BB     A 4  ? B 9  ? A 5  ? B 8  ? 
1 A DC 5 1_555 B DG 2 1_555 A DC 6 1_555 B DG 1 1_555 1.101  -0.905 3.241 3.681  6.833  35.037 -2.432 -1.269 3.111 11.180 -6.023  
35.860 5  AA_DC5DC6:DG7DG8_BB     A 5  ? B 8  ? A 6  ? B 7  ? 
1 C DG 1 1_555 D DC 6 1_555 C DG 2 1_555 D DC 5 1_555 -0.257 -1.501 3.311 -4.832 7.711  31.746 -3.909 -0.340 2.884 13.746 8.615   
32.992 6  CC_DG13DG14:DC23DC24_DD C 13 ? D 24 ? C 14 ? D 23 ? 
1 C DG 2 1_555 D DC 5 1_555 C DC 3 1_555 D DG 4 1_555 -0.046 -1.995 3.094 -2.330 3.277  23.154 -5.898 -0.598 2.780 8.086  5.748   
23.496 7  CC_DG14DC15:DG22DC23_DD C 14 ? D 23 ? C 15 ? D 22 ? 
1 C DC 3 1_555 D DG 4 1_555 C DG 4 1_555 D DC 3 1_555 0.239  -1.664 3.699 -1.531 17.153 31.238 -5.248 -0.617 2.468 29.239 2.610   
35.567 8  CC_DC15DG16:DC21DG22_DD C 15 ? D 22 ? C 16 ? D 21 ? 
1 C DG 4 1_555 D DC 3 1_555 C DC 5 1_555 D DG 2 1_555 -0.924 -1.089 3.219 -1.959 7.908  34.678 -2.883 1.239  2.953 13.046 3.231   
35.594 9  CC_DG16DC17:DG20DC21_DD C 16 ? D 21 ? C 17 ? D 20 ? 
1 C DC 5 1_555 D DG 2 1_555 C DC 6 1_555 D DG 1 1_555 0.588  -1.547 3.248 0.537  7.382  28.608 -4.504 -1.047 2.781 14.631 -1.064  
29.530 10 CC_DC17DC18:DG19DG20_DD C 17 ? D 20 ? C 18 ? D 19 ? 
1 E DG 1 1_555 F DC 6 1_555 E DG 2 1_555 F DC 5 1_555 -0.574 -0.866 3.730 0.878  12.138 31.876 -3.592 1.134  3.182 21.161 -1.531  
34.064 11 EE_DG25DG26:DC35DC36_FF E 25 ? F 36 ? E 26 ? F 35 ? 
1 E DG 2 1_555 F DC 5 1_555 E DC 3 1_555 F DG 4 1_555 -0.003 -1.032 2.910 -4.330 7.149  34.365 -2.607 -0.545 2.630 11.883 7.197   
35.337 12 EE_DG26DC27:DG34DC35_FF E 26 ? F 35 ? E 27 ? F 34 ? 
1 E DC 3 1_555 F DG 4 1_555 E DG 4 1_555 F DC 3 1_555 -0.382 -1.623 3.621 0.112  18.274 35.495 -4.501 0.574  2.521 27.818 -0.171  
39.788 13 EE_DC27DG28:DC33DG34_FF E 27 ? F 34 ? E 28 ? F 33 ? 
1 E DG 4 1_555 F DC 3 1_555 E DC 5 1_555 F DG 2 1_555 0.629  -1.196 3.032 2.064  4.377  32.195 -2.828 -0.795 2.882 7.837  -3.696  
32.547 14 EE_DG28DC29:DG32DC33_FF E 28 ? F 33 ? E 29 ? F 32 ? 
# 
_pdbx_initial_refinement_model.accession_code   ? 
_pdbx_initial_refinement_model.id               1 
_pdbx_initial_refinement_model.entity_id_list   ? 
_pdbx_initial_refinement_model.type             'experimental model' 
_pdbx_initial_refinement_model.source_name      Other 
_pdbx_initial_refinement_model.details          'A-form DNA from fiber diffraction' 
# 
_atom_sites.entry_id                    1G00 
_atom_sites.fract_transf_matrix[1][1]   0.00663804 
_atom_sites.fract_transf_matrix[1][2]   -0.01300288 
_atom_sites.fract_transf_matrix[1][3]   -0.01601272 
_atom_sites.fract_transf_matrix[2][1]   0.02432769 
_atom_sites.fract_transf_matrix[2][2]   0.01193390 
_atom_sites.fract_transf_matrix[2][3]   0.00039426 
_atom_sites.fract_transf_matrix[3][1]   0.00287805 
_atom_sites.fract_transf_matrix[3][2]   -0.00606924 
_atom_sites.fract_transf_matrix[3][3]   0.00612152 
_atom_sites.fract_transf_vector[1]      0.245179 
_atom_sites.fract_transf_vector[2]      0.192467 
_atom_sites.fract_transf_vector[3]      0.264452 
# 
loop_
_atom_type.symbol 
C 
N 
O 
P 
# 
loop_
_atom_site.group_PDB 
_atom_site.id 
_atom_site.type_symbol 
_atom_site.label_atom_id 
_atom_site.label_alt_id 
_atom_site.label_comp_id 
_atom_site.label_asym_id 
_atom_site.label_entity_id 
_atom_site.label_seq_id 
_atom_site.pdbx_PDB_ins_code 
_atom_site.Cartn_x 
_atom_site.Cartn_y 
_atom_site.Cartn_z 
_atom_site.occupancy 
_atom_site.B_iso_or_equiv 
_atom_site.pdbx_formal_charge 
_atom_site.auth_seq_id 
_atom_site.auth_comp_id 
_atom_site.auth_asym_id 
_atom_site.auth_atom_id 
_atom_site.pdbx_PDB_model_num 
ATOM   1   O "O5'" . DG  A 1 1 ? 5.795   -5.104  7.571   1.00 49.73 ? 1   DG  A "O5'" 1 
ATOM   2   C "C5'" . DG  A 1 1 ? 6.120   -6.306  6.868   1.00 32.56 ? 1   DG  A "C5'" 1 
ATOM   3   C "C4'" . DG  A 1 1 ? 4.941   -7.250  6.879   1.00 30.50 ? 1   DG  A "C4'" 1 
ATOM   4   O "O4'" . DG  A 1 1 ? 3.982   -6.859  7.889   1.00 29.97 ? 1   DG  A "O4'" 1 
ATOM   5   C "C3'" . DG  A 1 1 ? 4.143   -7.294  5.582   1.00 26.83 ? 1   DG  A "C3'" 1 
ATOM   6   O "O3'" . DG  A 1 1 ? 4.667   -8.293  4.716   1.00 34.04 ? 1   DG  A "O3'" 1 
ATOM   7   C "C2'" . DG  A 1 1 ? 2.736   -7.597  6.019   1.00 26.24 ? 1   DG  A "C2'" 1 
ATOM   8   C "C1'" . DG  A 1 1 ? 2.655   -6.932  7.377   1.00 27.79 ? 1   DG  A "C1'" 1 
ATOM   9   N N9    . DG  A 1 1 ? 2.163   -5.557  7.349   1.00 20.92 ? 1   DG  A N9    1 
ATOM   10  C C8    . DG  A 1 1 ? 2.925   -4.448  7.643   1.00 19.24 ? 1   DG  A C8    1 
ATOM   11  N N7    . DG  A 1 1 ? 2.253   -3.339  7.545   1.00 25.42 ? 1   DG  A N7    1 
ATOM   12  C C5    . DG  A 1 1 ? 0.977   -3.735  7.166   1.00 26.35 ? 1   DG  A C5    1 
ATOM   13  C C6    . DG  A 1 1 ? -0.180  -2.958  6.910   1.00 26.60 ? 1   DG  A C6    1 
ATOM   14  O O6    . DG  A 1 1 ? -0.315  -1.729  6.969   1.00 40.55 ? 1   DG  A O6    1 
ATOM   15  N N1    . DG  A 1 1 ? -1.261  -3.754  6.554   1.00 24.78 ? 1   DG  A N1    1 
ATOM   16  C C2    . DG  A 1 1 ? -1.226  -5.124  6.458   1.00 20.43 ? 1   DG  A C2    1 
ATOM   17  N N2    . DG  A 1 1 ? -2.388  -5.682  6.097   1.00 19.93 ? 1   DG  A N2    1 
ATOM   18  N N3    . DG  A 1 1 ? -0.154  -5.859  6.693   1.00 22.78 ? 1   DG  A N3    1 
ATOM   19  C C4    . DG  A 1 1 ? 0.909   -5.107  7.042   1.00 20.87 ? 1   DG  A C4    1 
ATOM   20  P P     . DG  A 1 2 ? 4.750   -7.956  3.142   1.00 33.85 ? 2   DG  A P     1 
ATOM   21  O OP1   . DG  A 1 2 ? 5.593   -8.981  2.470   1.00 55.33 ? 2   DG  A OP1   1 
ATOM   22  O OP2   . DG  A 1 2 ? 5.086   -6.515  2.970   1.00 27.78 ? 2   DG  A OP2   1 
ATOM   23  O "O5'" . DG  A 1 2 ? 3.241   -8.171  2.670   1.00 34.31 ? 2   DG  A "O5'" 1 
ATOM   24  C "C5'" . DG  A 1 2 ? 2.471   -9.265  3.171   1.00 28.11 ? 2   DG  A "C5'" 1 
ATOM   25  C "C4'" . DG  A 1 2 ? 1.081   -9.220  2.585   1.00 27.88 ? 2   DG  A "C4'" 1 
ATOM   26  O "O4'" . DG  A 1 2 ? 0.194   -8.468  3.443   1.00 31.68 ? 2   DG  A "O4'" 1 
ATOM   27  C "C3'" . DG  A 1 2 ? 0.981   -8.528  1.234   1.00 30.53 ? 2   DG  A "C3'" 1 
ATOM   28  O "O3'" . DG  A 1 2 ? 1.208   -9.446  0.168   1.00 32.97 ? 2   DG  A "O3'" 1 
ATOM   29  C "C2'" . DG  A 1 2 ? -0.422  -7.970  1.207   1.00 28.56 ? 2   DG  A "C2'" 1 
ATOM   30  C "C1'" . DG  A 1 2 ? -0.700  -7.673  2.668   1.00 27.06 ? 2   DG  A "C1'" 1 
ATOM   31  N N9    . DG  A 1 2 ? -0.455  -6.283  3.038   1.00 16.07 ? 2   DG  A N9    1 
ATOM   32  C C8    . DG  A 1 2 ? 0.689   -5.770  3.601   1.00 19.18 ? 2   DG  A C8    1 
ATOM   33  N N7    . DG  A 1 2 ? 0.611   -4.483  3.822   1.00 24.56 ? 2   DG  A N7    1 
ATOM   34  C C5    . DG  A 1 2 ? -0.656  -4.125  3.379   1.00 21.00 ? 2   DG  A C5    1 
ATOM   35  C C6    . DG  A 1 2 ? -1.305  -2.867  3.363   1.00 16.62 ? 2   DG  A C6    1 
ATOM   36  O O6    . DG  A 1 2 ? -0.872  -1.774  3.752   1.00 29.05 ? 2   DG  A O6    1 
ATOM   37  N N1    . DG  A 1 2 ? -2.586  -2.959  2.827   1.00 18.82 ? 2   DG  A N1    1 
ATOM   38  C C2    . DG  A 1 2 ? -3.166  -4.115  2.367   1.00 21.67 ? 2   DG  A C2    1 
ATOM   39  N N2    . DG  A 1 2 ? -4.411  -4.013  1.884   1.00 13.83 ? 2   DG  A N2    1 
ATOM   40  N N3    . DG  A 1 2 ? -2.572  -5.296  2.376   1.00 24.85 ? 2   DG  A N3    1 
ATOM   41  C C4    . DG  A 1 2 ? -1.325  -5.231  2.893   1.00 22.53 ? 2   DG  A C4    1 
ATOM   42  P P     . DC  A 1 3 ? 1.413   -8.841  -1.315  1.00 30.44 ? 3   DC  A P     1 
ATOM   43  O OP1   . DC  A 1 3 ? 1.442   -9.958  -2.299  1.00 50.47 ? 3   DC  A OP1   1 
ATOM   44  O OP2   . DC  A 1 3 ? 2.555   -7.882  -1.291  1.00 17.07 ? 3   DC  A OP2   1 
ATOM   45  O "O5'" . DC  A 1 3 ? 0.077   -8.009  -1.545  1.00 28.40 ? 3   DC  A "O5'" 1 
ATOM   46  C "C5'" . DC  A 1 3 ? -0.991  -8.484  -2.360  1.00 28.13 ? 3   DC  A "C5'" 1 
ATOM   47  C "C4'" . DC  A 1 3 ? -2.045  -7.417  -2.507  1.00 30.32 ? 3   DC  A "C4'" 1 
ATOM   48  O "O4'" . DC  A 1 3 ? -2.166  -6.665  -1.266  1.00 30.57 ? 3   DC  A "O4'" 1 
ATOM   49  C "C3'" . DC  A 1 3 ? -1.798  -6.320  -3.537  1.00 24.63 ? 3   DC  A "C3'" 1 
ATOM   50  O "O3'" . DC  A 1 3 ? -2.056  -6.732  -4.866  1.00 23.85 ? 3   DC  A "O3'" 1 
ATOM   51  C "C2'" . DC  A 1 3 ? -2.766  -5.247  -3.078  1.00 20.99 ? 3   DC  A "C2'" 1 
ATOM   52  C "C1'" . DC  A 1 3 ? -2.668  -5.373  -1.566  1.00 21.10 ? 3   DC  A "C1'" 1 
ATOM   53  N N1    . DC  A 1 3 ? -1.746  -4.393  -0.978  1.00 16.51 ? 3   DC  A N1    1 
ATOM   54  C C2    . DC  A 1 3 ? -2.235  -3.093  -0.821  1.00 20.26 ? 3   DC  A C2    1 
ATOM   55  O O2    . DC  A 1 3 ? -3.401  -2.884  -1.190  1.00 28.74 ? 3   DC  A O2    1 
ATOM   56  N N3    . DC  A 1 3 ? -1.430  -2.151  -0.284  1.00 20.78 ? 3   DC  A N3    1 
ATOM   57  C C4    . DC  A 1 3 ? -0.187  -2.476  0.083   1.00 21.42 ? 3   DC  A C4    1 
ATOM   58  N N4    . DC  A 1 3 ? 0.575   -1.513  0.608   1.00 39.11 ? 3   DC  A N4    1 
ATOM   59  C C5    . DC  A 1 3 ? 0.334   -3.794  -0.069  1.00 14.06 ? 3   DC  A C5    1 
ATOM   60  C C6    . DC  A 1 3 ? -0.478  -4.720  -0.603  1.00 16.22 ? 3   DC  A C6    1 
ATOM   61  P P     . DG  A 1 4 ? -1.177  -6.160  -6.084  1.00 26.82 ? 4   DG  A P     1 
ATOM   62  O OP1   . DG  A 1 4 ? -1.295  -7.079  -7.256  1.00 41.32 ? 4   DG  A OP1   1 
ATOM   63  O OP2   . DG  A 1 4 ? 0.183   -5.791  -5.602  1.00 38.55 ? 4   DG  A OP2   1 
ATOM   64  O "O5'" . DG  A 1 4 ? -1.918  -4.803  -6.476  1.00 25.15 ? 4   DG  A "O5'" 1 
ATOM   65  C "C5'" . DG  A 1 4 ? -3.324  -4.657  -6.274  1.00 18.36 ? 4   DG  A "C5'" 1 
ATOM   66  C "C4'" . DG  A 1 4 ? -3.693  -3.225  -6.572  1.00 19.00 ? 4   DG  A "C4'" 1 
ATOM   67  O "O4'" . DG  A 1 4 ? -3.743  -2.469  -5.338  1.00 20.69 ? 4   DG  A "O4'" 1 
ATOM   68  C "C3'" . DG  A 1 4 ? -2.715  -2.451  -7.444  1.00 19.29 ? 4   DG  A "C3'" 1 
ATOM   69  O "O3'" . DG  A 1 4 ? -2.892  -2.689  -8.836  1.00 20.79 ? 4   DG  A "O3'" 1 
ATOM   70  C "C2'" . DG  A 1 4 ? -3.030  -1.018  -7.066  1.00 19.82 ? 4   DG  A "C2'" 1 
ATOM   71  C "C1'" . DG  A 1 4 ? -3.319  -1.132  -5.578  1.00 21.16 ? 4   DG  A "C1'" 1 
ATOM   72  N N9    . DG  A 1 4 ? -2.154  -0.893  -4.729  1.00 17.42 ? 4   DG  A N9    1 
ATOM   73  C C8    . DG  A 1 4 ? -1.130  -1.758  -4.446  1.00 20.09 ? 4   DG  A C8    1 
ATOM   74  N N7    . DG  A 1 4 ? -0.231  -1.245  -3.650  1.00 22.03 ? 4   DG  A N7    1 
ATOM   75  C C5    . DG  A 1 4 ? -0.688  0.041   -3.389  1.00 20.41 ? 4   DG  A C5    1 
ATOM   76  C C6    . DG  A 1 4 ? -0.145  1.082   -2.593  1.00 21.02 ? 4   DG  A C6    1 
ATOM   77  O O6    . DG  A 1 4 ? 0.896   1.094   -1.922  1.00 11.20 ? 4   DG  A O6    1 
ATOM   78  N N1    . DG  A 1 4 ? -0.941  2.224   -2.611  1.00 26.25 ? 4   DG  A N1    1 
ATOM   79  C C2    . DG  A 1 4 ? -2.117  2.351   -3.309  1.00 23.79 ? 4   DG  A C2    1 
ATOM   80  N N2    . DG  A 1 4 ? -2.749  3.528   -3.208  1.00 33.11 ? 4   DG  A N2    1 
ATOM   81  N N3    . DG  A 1 4 ? -2.632  1.387   -4.053  1.00 19.63 ? 4   DG  A N3    1 
ATOM   82  C C4    . DG  A 1 4 ? -1.877  0.269   -4.051  1.00 18.22 ? 4   DG  A C4    1 
ATOM   83  P P     . DC  A 1 5 ? -1.770  -2.179  -9.880  1.00 17.88 ? 5   DC  A P     1 
ATOM   84  O OP1   . DC  A 1 5 ? -2.186  -2.539  -11.264 1.00 31.10 ? 5   DC  A OP1   1 
ATOM   85  O OP2   . DC  A 1 5 ? -0.420  -2.589  -9.408  1.00 28.64 ? 5   DC  A OP2   1 
ATOM   86  O "O5'" . DC  A 1 5 ? -1.839  -0.593  -9.747  1.00 25.37 ? 5   DC  A "O5'" 1 
ATOM   87  C "C5'" . DC  A 1 5 ? -2.911  0.153   -10.331 1.00 18.24 ? 5   DC  A "C5'" 1 
ATOM   88  C "C4'" . DC  A 1 5 ? -2.647  1.615   -10.081 1.00 9.21  ? 5   DC  A "C4'" 1 
ATOM   89  O "O4'" . DC  A 1 5 ? -2.636  1.896   -8.658  1.00 15.13 ? 5   DC  A "O4'" 1 
ATOM   90  C "C3'" . DC  A 1 5 ? -1.297  2.138   -10.550 1.00 1.09  ? 5   DC  A "C3'" 1 
ATOM   91  O "O3'" . DC  A 1 5 ? -1.251  2.351   -11.943 1.00 12.68 ? 5   DC  A "O3'" 1 
ATOM   92  C "C2'" . DC  A 1 5 ? -1.197  3.426   -9.758  1.00 7.42  ? 5   DC  A "C2'" 1 
ATOM   93  C "C1'" . DC  A 1 5 ? -1.733  2.967   -8.411  1.00 13.59 ? 5   DC  A "C1'" 1 
ATOM   94  N N1    . DC  A 1 5 ? -0.676  2.484   -7.510  1.00 9.52  ? 5   DC  A N1    1 
ATOM   95  C C2    . DC  A 1 5 ? -0.051  3.436   -6.705  1.00 9.59  ? 5   DC  A C2    1 
ATOM   96  O O2    . DC  A 1 5 ? -0.432  4.611   -6.808  1.00 31.82 ? 5   DC  A O2    1 
ATOM   97  N N3    . DC  A 1 5 ? 0.926   3.051   -5.858  1.00 11.17 ? 5   DC  A N3    1 
ATOM   98  C C4    . DC  A 1 5 ? 1.280   1.769   -5.803  1.00 15.54 ? 5   DC  A C4    1 
ATOM   99  N N4    . DC  A 1 5 ? 2.252   1.447   -4.949  1.00 23.76 ? 5   DC  A N4    1 
ATOM   100 C C5    . DC  A 1 5 ? 0.661   0.778   -6.614  1.00 19.43 ? 5   DC  A C5    1 
ATOM   101 C C6    . DC  A 1 5 ? -0.309  1.173   -7.451  1.00 14.60 ? 5   DC  A C6    1 
ATOM   102 P P     . DC  A 1 6 ? 0.139   2.349   -12.749 1.00 22.67 ? 6   DC  A P     1 
ATOM   103 O OP1   . DC  A 1 6 ? -0.128  2.649   -14.185 1.00 37.40 ? 6   DC  A OP1   1 
ATOM   104 O OP2   . DC  A 1 6 ? 0.902   1.105   -12.445 1.00 39.84 ? 6   DC  A OP2   1 
ATOM   105 O "O5'" . DC  A 1 6 ? 0.925   3.584   -12.119 1.00 21.06 ? 6   DC  A "O5'" 1 
ATOM   106 C "C5'" . DC  A 1 6 ? 0.528   4.922   -12.392 1.00 20.16 ? 6   DC  A "C5'" 1 
ATOM   107 C "C4'" . DC  A 1 6 ? 1.353   5.912   -11.610 1.00 16.54 ? 6   DC  A "C4'" 1 
ATOM   108 O "O4'" . DC  A 1 6 ? 1.242   5.664   -10.187 1.00 11.49 ? 6   DC  A "O4'" 1 
ATOM   109 C "C3'" . DC  A 1 6 ? 2.857   5.872   -11.871 1.00 11.34 ? 6   DC  A "C3'" 1 
ATOM   110 O "O3'" . DC  A 1 6 ? 3.208   6.574   -13.052 1.00 25.43 ? 6   DC  A "O3'" 1 
ATOM   111 C "C2'" . DC  A 1 6 ? 3.411   6.510   -10.617 1.00 11.23 ? 6   DC  A "C2'" 1 
ATOM   112 C "C1'" . DC  A 1 6 ? 2.481   5.948   -9.551  1.00 21.26 ? 6   DC  A "C1'" 1 
ATOM   113 N N1    . DC  A 1 6 ? 2.973   4.704   -8.934  1.00 24.30 ? 6   DC  A N1    1 
ATOM   114 C C2    . DC  A 1 6 ? 3.768   4.780   -7.788  1.00 20.40 ? 6   DC  A C2    1 
ATOM   115 O O2    . DC  A 1 6 ? 4.034   5.896   -7.328  1.00 16.10 ? 6   DC  A O2    1 
ATOM   116 N N3    . DC  A 1 6 ? 4.226   3.646   -7.211  1.00 19.35 ? 6   DC  A N3    1 
ATOM   117 C C4    . DC  A 1 6 ? 3.912   2.466   -7.748  1.00 24.53 ? 6   DC  A C4    1 
ATOM   118 N N4    . DC  A 1 6 ? 4.375   1.357   -7.163  1.00 25.19 ? 6   DC  A N4    1 
ATOM   119 C C5    . DC  A 1 6 ? 3.103   2.359   -8.915  1.00 21.87 ? 6   DC  A C5    1 
ATOM   120 C C6    . DC  A 1 6 ? 2.658   3.488   -9.474  1.00 17.23 ? 6   DC  A C6    1 
ATOM   121 O "O5'" . DG  B 1 1 ? 8.868   4.759   2.479   1.00 54.63 ? 7   DG  B "O5'" 1 
ATOM   122 C "C5'" . DG  B 1 1 ? 9.872   5.091   1.517   1.00 27.10 ? 7   DG  B "C5'" 1 
ATOM   123 C "C4'" . DG  B 1 1 ? 9.530   6.415   0.868   1.00 21.60 ? 7   DG  B "C4'" 1 
ATOM   124 O "O4'" . DG  B 1 1 ? 9.804   6.319   -0.548  1.00 23.67 ? 7   DG  B "O4'" 1 
ATOM   125 C "C3'" . DG  B 1 1 ? 8.078   6.841   1.002   1.00 21.66 ? 7   DG  B "C3'" 1 
ATOM   126 O "O3'" . DG  B 1 1 ? 7.913   7.884   1.967   1.00 25.83 ? 7   DG  B "O3'" 1 
ATOM   127 C "C2'" . DG  B 1 1 ? 7.684   7.330   -0.367  1.00 22.14 ? 7   DG  B "C2'" 1 
ATOM   128 C "C1'" . DG  B 1 1 ? 8.645   6.633   -1.306  1.00 23.05 ? 7   DG  B "C1'" 1 
ATOM   129 N N9    . DG  B 1 1 ? 8.120   5.380   -1.845  1.00 18.77 ? 7   DG  B N9    1 
ATOM   130 C C8    . DG  B 1 1 ? 8.346   4.105   -1.392  1.00 15.01 ? 7   DG  B C8    1 
ATOM   131 N N7    . DG  B 1 1 ? 7.722   3.202   -2.103  1.00 17.32 ? 7   DG  B N7    1 
ATOM   132 C C5    . DG  B 1 1 ? 7.047   3.922   -3.080  1.00 15.24 ? 7   DG  B C5    1 
ATOM   133 C C6    . DG  B 1 1 ? 6.203   3.505   -4.139  1.00 13.90 ? 7   DG  B C6    1 
ATOM   134 O O6    . DG  B 1 1 ? 5.852   2.366   -4.462  1.00 30.30 ? 7   DG  B O6    1 
ATOM   135 N N1    . DG  B 1 1 ? 5.730   4.578   -4.889  1.00 21.56 ? 7   DG  B N1    1 
ATOM   136 C C2    . DG  B 1 1 ? 6.031   5.894   -4.653  1.00 24.51 ? 7   DG  B C2    1 
ATOM   137 N N2    . DG  B 1 1 ? 5.477   6.781   -5.490  1.00 39.23 ? 7   DG  B N2    1 
ATOM   138 N N3    . DG  B 1 1 ? 6.815   6.299   -3.671  1.00 27.74 ? 7   DG  B N3    1 
ATOM   139 C C4    . DG  B 1 1 ? 7.285   5.273   -2.930  1.00 20.59 ? 7   DG  B C4    1 
ATOM   140 P P     . DG  B 1 2 ? 6.500   8.004   2.730   1.00 32.17 ? 8   DG  B P     1 
ATOM   141 O OP1   . DG  B 1 2 ? 6.628   8.949   3.873   1.00 41.55 ? 8   DG  B OP1   1 
ATOM   142 O OP2   . DG  B 1 2 ? 5.981   6.628   2.985   1.00 34.79 ? 8   DG  B OP2   1 
ATOM   143 O "O5'" . DG  B 1 2 ? 5.527   8.673   1.657   1.00 26.13 ? 8   DG  B "O5'" 1 
ATOM   144 C "C5'" . DG  B 1 2 ? 5.681   10.039  1.270   1.00 21.50 ? 8   DG  B "C5'" 1 
ATOM   145 C "C4'" . DG  B 1 2 ? 4.691   10.371  0.180   1.00 27.05 ? 8   DG  B "C4'" 1 
ATOM   146 O "O4'" . DG  B 1 2 ? 5.013   9.655   -1.039  1.00 24.12 ? 8   DG  B "O4'" 1 
ATOM   147 C "C3'" . DG  B 1 2 ? 3.246   9.983   0.470   1.00 31.88 ? 8   DG  B "C3'" 1 
ATOM   148 O "O3'" . DG  B 1 2 ? 2.566   10.961  1.243   1.00 35.28 ? 8   DG  B "O3'" 1 
ATOM   149 C "C2'" . DG  B 1 2 ? 2.659   9.847   -0.917  1.00 30.37 ? 8   DG  B "C2'" 1 
ATOM   150 C "C1'" . DG  B 1 2 ? 3.819   9.244   -1.692  1.00 24.17 ? 8   DG  B "C1'" 1 
ATOM   151 N N9    . DG  B 1 2 ? 3.807   7.787   -1.708  1.00 24.67 ? 8   DG  B N9    1 
ATOM   152 C C8    . DG  B 1 2 ? 4.450   6.932   -0.849  1.00 23.12 ? 8   DG  B C8    1 
ATOM   153 N N7    . DG  B 1 2 ? 4.237   5.676   -1.129  1.00 23.96 ? 8   DG  B N7    1 
ATOM   154 C C5    . DG  B 1 2 ? 3.403   5.699   -2.240  1.00 21.71 ? 8   DG  B C5    1 
ATOM   155 C C6    . DG  B 1 2 ? 2.833   4.647   -3.000  1.00 22.39 ? 8   DG  B C6    1 
ATOM   156 O O6    . DG  B 1 2 ? 2.948   3.425   -2.844  1.00 25.52 ? 8   DG  B O6    1 
ATOM   157 N N1    . DG  B 1 2 ? 2.049   5.125   -4.045  1.00 28.26 ? 8   DG  B N1    1 
ATOM   158 C C2    . DG  B 1 2 ? 1.843   6.455   -4.323  1.00 29.52 ? 8   DG  B C2    1 
ATOM   159 N N2    . DG  B 1 2 ? 1.054   6.730   -5.373  1.00 20.88 ? 8   DG  B N2    1 
ATOM   160 N N3    . DG  B 1 2 ? 2.368   7.444   -3.624  1.00 26.92 ? 8   DG  B N3    1 
ATOM   161 C C4    . DG  B 1 2 ? 3.130   6.998   -2.607  1.00 24.37 ? 8   DG  B C4    1 
ATOM   162 P P     . DC  B 1 3 ? 1.525   10.486  2.381   1.00 33.26 ? 9   DC  B P     1 
ATOM   163 O OP1   . DC  B 1 3 ? 1.006   11.696  3.082   1.00 30.54 ? 9   DC  B OP1   1 
ATOM   164 O OP2   . DC  B 1 3 ? 2.117   9.381   3.180   1.00 33.81 ? 9   DC  B OP2   1 
ATOM   165 O "O5'" . DC  B 1 3 ? 0.322   9.864   1.525   1.00 27.72 ? 9   DC  B "O5'" 1 
ATOM   166 C "C5'" . DC  B 1 3 ? -0.427  10.761  0.707   1.00 22.22 ? 9   DC  B "C5'" 1 
ATOM   167 C "C4'" . DC  B 1 3 ? -1.387  10.035  -0.187  1.00 17.32 ? 9   DC  B "C4'" 1 
ATOM   168 O "O4'" . DC  B 1 3 ? -0.672  9.220   -1.149  1.00 12.17 ? 9   DC  B "O4'" 1 
ATOM   169 C "C3'" . DC  B 1 3 ? -2.313  9.024   0.486   1.00 18.22 ? 9   DC  B "C3'" 1 
ATOM   170 O "O3'" . DC  B 1 3 ? -3.361  9.653   1.195   1.00 22.07 ? 9   DC  B "O3'" 1 
ATOM   171 C "C2'" . DC  B 1 3 ? -2.780  8.232   -0.714  1.00 10.60 ? 9   DC  B "C2'" 1 
ATOM   172 C "C1'" . DC  B 1 3 ? -1.472  8.094   -1.481  1.00 13.52 ? 9   DC  B "C1'" 1 
ATOM   173 N N1    . DC  B 1 3 ? -0.715  6.885   -1.127  1.00 16.43 ? 9   DC  B N1    1 
ATOM   174 C C2    . DC  B 1 3 ? -0.900  5.752   -1.916  1.00 19.88 ? 9   DC  B C2    1 
ATOM   175 O O2    . DC  B 1 3 ? -1.687  5.835   -2.864  1.00 16.17 ? 9   DC  B O2    1 
ATOM   176 N N3    . DC  B 1 3 ? -0.221  4.627   -1.617  1.00 24.11 ? 9   DC  B N3    1 
ATOM   177 C C4    . DC  B 1 3 ? 0.611   4.617   -0.573  1.00 17.70 ? 9   DC  B C4    1 
ATOM   178 N N4    . DC  B 1 3 ? 1.261   3.478   -0.319  1.00 31.28 ? 9   DC  B N4    1 
ATOM   179 C C5    . DC  B 1 3 ? 0.817   5.758   0.244   1.00 14.20 ? 9   DC  B C5    1 
ATOM   180 C C6    . DC  B 1 3 ? 0.138   6.867   -0.063  1.00 19.18 ? 9   DC  B C6    1 
ATOM   181 P P     . DG  B 1 4 ? -4.208  8.836   2.289   1.00 27.35 ? 10  DG  B P     1 
ATOM   182 O OP1   . DG  B 1 4 ? -5.354  9.678   2.745   1.00 41.85 ? 10  DG  B OP1   1 
ATOM   183 O OP2   . DG  B 1 4 ? -3.283  8.286   3.320   1.00 49.45 ? 10  DG  B OP2   1 
ATOM   184 O "O5'" . DG  B 1 4 ? -4.796  7.608   1.459   1.00 16.01 ? 10  DG  B "O5'" 1 
ATOM   185 C "C5'" . DG  B 1 4 ? -5.946  7.805   0.632   1.00 16.24 ? 10  DG  B "C5'" 1 
ATOM   186 C "C4'" . DG  B 1 4 ? -6.280  6.527   -0.082  1.00 19.80 ? 10  DG  B "C4'" 1 
ATOM   187 O "O4'" . DG  B 1 4 ? -5.088  5.965   -0.698  1.00 25.67 ? 10  DG  B "O4'" 1 
ATOM   188 C "C3'" . DG  B 1 4 ? -6.789  5.390   0.786   1.00 18.57 ? 10  DG  B "C3'" 1 
ATOM   189 O "O3'" . DG  B 1 4 ? -8.171  5.514   1.087   1.00 23.32 ? 10  DG  B "O3'" 1 
ATOM   190 C "C2'" . DG  B 1 4 ? -6.513  4.170   -0.065  1.00 21.81 ? 10  DG  B "C2'" 1 
ATOM   191 C "C1'" . DG  B 1 4 ? -5.231  4.554   -0.784  1.00 24.29 ? 10  DG  B "C1'" 1 
ATOM   192 N N9    . DG  B 1 4 ? -4.054  3.954   -0.169  1.00 23.46 ? 10  DG  B N9    1 
ATOM   193 C C8    . DG  B 1 4 ? -3.152  4.570   0.659   1.00 21.39 ? 10  DG  B C8    1 
ATOM   194 N N7    . DG  B 1 4 ? -2.201  3.768   1.051   1.00 25.04 ? 10  DG  B N7    1 
ATOM   195 C C5    . DG  B 1 4 ? -2.498  2.554   0.444   1.00 27.24 ? 10  DG  B C5    1 
ATOM   196 C C6    . DG  B 1 4 ? -1.821  1.308   0.499   1.00 26.70 ? 10  DG  B C6    1 
ATOM   197 O O6    . DG  B 1 4 ? -0.789  1.038   1.124   1.00 26.87 ? 10  DG  B O6    1 
ATOM   198 N N1    . DG  B 1 4 ? -2.464  0.342   -0.265  1.00 23.33 ? 10  DG  B N1    1 
ATOM   199 C C2    . DG  B 1 4 ? -3.613  0.549   -0.991  1.00 22.98 ? 10  DG  B C2    1 
ATOM   200 N N2    . DG  B 1 4 ? -4.086  -0.505  -1.667  1.00 12.43 ? 10  DG  B N2    1 
ATOM   201 N N3    . DG  B 1 4 ? -4.255  1.704   -1.053  1.00 20.34 ? 10  DG  B N3    1 
ATOM   202 C C4    . DG  B 1 4 ? -3.643  2.653   -0.316  1.00 22.08 ? 10  DG  B C4    1 
ATOM   203 P P     . DC  B 1 5 ? -8.626  5.137   2.585   1.00 34.90 ? 11  DC  B P     1 
ATOM   204 O OP1   . DC  B 1 5 ? -9.955  5.732   2.878   1.00 28.76 ? 11  DC  B OP1   1 
ATOM   205 O OP2   . DC  B 1 5 ? -7.479  5.446   3.494   1.00 51.84 ? 11  DC  B OP2   1 
ATOM   206 O "O5'" . DC  B 1 5 ? -8.778  3.551   2.558   1.00 31.76 ? 11  DC  B "O5'" 1 
ATOM   207 C "C5'" . DC  B 1 5 ? -9.698  2.900   1.692   1.00 27.13 ? 11  DC  B "C5'" 1 
ATOM   208 C "C4'" . DC  B 1 5 ? -9.413  1.426   1.619   1.00 24.23 ? 11  DC  B "C4'" 1 
ATOM   209 O "O4'" . DC  B 1 5 ? -8.147  1.175   0.944   1.00 17.94 ? 11  DC  B "O4'" 1 
ATOM   210 C "C3'" . DC  B 1 5 ? -9.218  0.689   2.943   1.00 21.65 ? 11  DC  B "C3'" 1 
ATOM   211 O "O3'" . DC  B 1 5 ? -10.416 0.497   3.664   1.00 29.28 ? 11  DC  B "O3'" 1 
ATOM   212 C "C2'" . DC  B 1 5 ? -8.623  -0.611  2.431   1.00 16.86 ? 11  DC  B "C2'" 1 
ATOM   213 C "C1'" . DC  B 1 5 ? -7.632  -0.062  1.406   1.00 19.53 ? 11  DC  B "C1'" 1 
ATOM   214 N N1    . DC  B 1 5 ? -6.304  0.152   1.992   1.00 22.37 ? 11  DC  B N1    1 
ATOM   215 C C2    . DC  B 1 5 ? -5.458  -0.961  2.050   1.00 22.51 ? 11  DC  B C2    1 
ATOM   216 O O2    . DC  B 1 5 ? -5.900  -2.028  1.599   1.00 35.65 ? 11  DC  B O2    1 
ATOM   217 N N3    . DC  B 1 5 ? -4.224  -0.831  2.580   1.00 20.04 ? 11  DC  B N3    1 
ATOM   218 C C4    . DC  B 1 5 ? -3.826  0.358   3.043   1.00 20.47 ? 11  DC  B C4    1 
ATOM   219 N N4    . DC  B 1 5 ? -2.595  0.439   3.558   1.00 15.83 ? 11  DC  B N4    1 
ATOM   220 C C5    . DC  B 1 5 ? -4.666  1.506   2.998   1.00 20.51 ? 11  DC  B C5    1 
ATOM   221 C C6    . DC  B 1 5 ? -5.890  1.362   2.469   1.00 24.81 ? 11  DC  B C6    1 
ATOM   222 P P     . DC  B 1 6 ? -10.413 0.358   5.267   1.00 30.96 ? 12  DC  B P     1 
ATOM   223 O OP1   . DC  B 1 6 ? -11.817 0.296   5.757   1.00 57.08 ? 12  DC  B OP1   1 
ATOM   224 O OP2   . DC  B 1 6 ? -9.520  1.387   5.875   1.00 41.62 ? 12  DC  B OP2   1 
ATOM   225 O "O5'" . DC  B 1 6 ? -9.735  -1.072  5.513   1.00 25.07 ? 12  DC  B "O5'" 1 
ATOM   226 C "C5'" . DC  B 1 6 ? -10.325 -2.248  4.965   1.00 22.14 ? 12  DC  B "C5'" 1 
ATOM   227 C "C4'" . DC  B 1 6 ? -9.475  -3.454  5.263   1.00 20.09 ? 12  DC  B "C4'" 1 
ATOM   228 O "O4'" . DC  B 1 6 ? -8.212  -3.365  4.558   1.00 16.92 ? 12  DC  B "O4'" 1 
ATOM   229 C "C3'" . DC  B 1 6 ? -9.070  -3.631  6.720   1.00 23.47 ? 12  DC  B "C3'" 1 
ATOM   230 O "O3'" . DC  B 1 6 ? -10.088 -4.252  7.487   1.00 17.05 ? 12  DC  B "O3'" 1 
ATOM   231 C "C2'" . DC  B 1 6 ? -7.834  -4.492  6.611   1.00 26.75 ? 12  DC  B "C2'" 1 
ATOM   232 C "C1'" . DC  B 1 6 ? -7.199  -3.993  5.320   1.00 22.67 ? 12  DC  B "C1'" 1 
ATOM   233 N N1    . DC  B 1 6 ? -6.125  -3.025  5.592   1.00 23.96 ? 12  DC  B N1    1 
ATOM   234 C C2    . DC  B 1 6 ? -4.827  -3.527  5.731   1.00 22.67 ? 12  DC  B C2    1 
ATOM   235 O O2    . DC  B 1 6 ? -4.656  -4.748  5.615   1.00 30.20 ? 12  DC  B O2    1 
ATOM   236 N N3    . DC  B 1 6 ? -3.816  -2.668  5.984   1.00 19.24 ? 12  DC  B N3    1 
ATOM   237 C C4    . DC  B 1 6 ? -4.069  -1.362  6.096   1.00 17.89 ? 12  DC  B C4    1 
ATOM   238 N N4    . DC  B 1 6 ? -3.035  -0.551  6.345   1.00 31.49 ? 12  DC  B N4    1 
ATOM   239 C C5    . DC  B 1 6 ? -5.380  -0.822  5.960   1.00 12.42 ? 12  DC  B C5    1 
ATOM   240 C C6    . DC  B 1 6 ? -6.375  -1.686  5.711   1.00 21.00 ? 12  DC  B C6    1 
ATOM   241 O "O5'" . DG  C 1 1 ? -4.637  -19.419 14.197  1.00 30.52 ? 13  DG  C "O5'" 1 
ATOM   242 C "C5'" . DG  C 1 1 ? -5.442  -19.946 13.134  1.00 15.43 ? 13  DG  C "C5'" 1 
ATOM   243 C "C4'" . DG  C 1 1 ? -5.511  -18.921 12.030  1.00 16.50 ? 13  DG  C "C4'" 1 
ATOM   244 O "O4'" . DG  C 1 1 ? -6.036  -17.671 12.537  1.00 15.60 ? 13  DG  C "O4'" 1 
ATOM   245 C "C3'" . DG  C 1 1 ? -4.174  -18.534 11.414  1.00 16.59 ? 13  DG  C "C3'" 1 
ATOM   246 O "O3'" . DG  C 1 1 ? -3.797  -19.435 10.372  1.00 24.69 ? 13  DG  C "O3'" 1 
ATOM   247 C "C2'" . DG  C 1 1 ? -4.405  -17.141 10.891  1.00 10.59 ? 13  DG  C "C2'" 1 
ATOM   248 C "C1'" . DG  C 1 1 ? -5.476  -16.586 11.817  1.00 9.38  ? 13  DG  C "C1'" 1 
ATOM   249 N N9    . DG  C 1 1 ? -4.939  -15.647 12.796  1.00 13.10 ? 13  DG  C N9    1 
ATOM   250 C C8    . DG  C 1 1 ? -4.638  -15.827 14.116  1.00 16.25 ? 13  DG  C C8    1 
ATOM   251 N N7    . DG  C 1 1 ? -4.169  -14.744 14.684  1.00 19.66 ? 13  DG  C N7    1 
ATOM   252 C C5    . DG  C 1 1 ? -4.160  -13.792 13.676  1.00 19.24 ? 13  DG  C C5    1 
ATOM   253 C C6    . DG  C 1 1 ? -3.765  -12.431 13.668  1.00 18.02 ? 13  DG  C C6    1 
ATOM   254 O O6    . DG  C 1 1 ? -3.317  -11.752 14.600  1.00 32.71 ? 13  DG  C O6    1 
ATOM   255 N N1    . DG  C 1 1 ? -3.932  -11.852 12.415  1.00 24.00 ? 13  DG  C N1    1 
ATOM   256 C C2    . DG  C 1 1 ? -4.418  -12.493 11.301  1.00 30.18 ? 13  DG  C C2    1 
ATOM   257 N N2    . DG  C 1 1 ? -4.513  -11.782 10.169  1.00 31.23 ? 13  DG  C N2    1 
ATOM   258 N N3    . DG  C 1 1 ? -4.790  -13.762 11.294  1.00 27.49 ? 13  DG  C N3    1 
ATOM   259 C C4    . DG  C 1 1 ? -4.634  -14.338 12.504  1.00 21.37 ? 13  DG  C C4    1 
ATOM   260 P P     . DG  C 1 2 ? -2.223  -19.490 10.014  1.00 29.01 ? 14  DG  C P     1 
ATOM   261 O OP1   . DG  C 1 2 ? -1.981  -20.586 9.041   1.00 32.88 ? 14  DG  C OP1   1 
ATOM   262 O OP2   . DG  C 1 2 ? -1.431  -19.454 11.274  1.00 36.86 ? 14  DG  C OP2   1 
ATOM   263 O "O5'" . DG  C 1 2 ? -2.005  -18.086 9.269   1.00 32.53 ? 14  DG  C "O5'" 1 
ATOM   264 C "C5'" . DG  C 1 2 ? -2.590  -17.901 7.981   1.00 34.49 ? 14  DG  C "C5'" 1 
ATOM   265 C "C4'" . DG  C 1 2 ? -2.245  -16.567 7.380   1.00 30.00 ? 14  DG  C "C4'" 1 
ATOM   266 O "O4'" . DG  C 1 2 ? -2.762  -15.502 8.220   1.00 31.57 ? 14  DG  C "O4'" 1 
ATOM   267 C "C3'" . DG  C 1 2 ? -0.766  -16.234 7.262   1.00 27.83 ? 14  DG  C "C3'" 1 
ATOM   268 O "O3'" . DG  C 1 2 ? -0.161  -16.801 6.105   1.00 29.03 ? 14  DG  C "O3'" 1 
ATOM   269 C "C2'" . DG  C 1 2 ? -0.760  -14.723 7.200   1.00 26.37 ? 14  DG  C "C2'" 1 
ATOM   270 C "C1'" . DG  C 1 2 ? -1.919  -14.362 8.107   1.00 26.59 ? 14  DG  C "C1'" 1 
ATOM   271 N N9    . DG  C 1 2 ? -1.504  -14.027 9.464   1.00 22.59 ? 14  DG  C N9    1 
ATOM   272 C C8    . DG  C 1 2 ? -1.476  -14.842 10.565  1.00 24.17 ? 14  DG  C C8    1 
ATOM   273 N N7    . DG  C 1 2 ? -1.048  -14.227 11.637  1.00 23.15 ? 14  DG  C N7    1 
ATOM   274 C C5    . DG  C 1 2 ? -0.781  -12.934 11.213  1.00 16.69 ? 14  DG  C C5    1 
ATOM   275 C C6    . DG  C 1 2 ? -0.294  -11.805 11.913  1.00 19.10 ? 14  DG  C C6    1 
ATOM   276 O O6    . DG  C 1 2 ? 0.022   -11.682 13.104  1.00 34.87 ? 14  DG  C O6    1 
ATOM   277 N N1    . DG  C 1 2 ? -0.184  -10.711 11.066  1.00 22.23 ? 14  DG  C N1    1 
ATOM   278 C C2    . DG  C 1 2 ? -0.489  -10.675 9.732   1.00 20.21 ? 14  DG  C C2    1 
ATOM   279 N N2    . DG  C 1 2 ? -0.301  -9.501  9.116   1.00 15.78 ? 14  DG  C N2    1 
ATOM   280 N N3    . DG  C 1 2 ? -0.942  -11.720 9.068   1.00 17.65 ? 14  DG  C N3    1 
ATOM   281 C C4    . DG  C 1 2 ? -1.058  -12.795 9.871   1.00 17.83 ? 14  DG  C C4    1 
ATOM   282 P P     . DC  C 1 3 ? 1.442   -17.003 6.176   1.00 27.68 ? 15  DC  C P     1 
ATOM   283 O OP1   . DC  C 1 3 ? 1.926   -17.631 4.920   1.00 38.78 ? 15  DC  C OP1   1 
ATOM   284 O OP2   . DC  C 1 3 ? 1.793   -17.605 7.488   1.00 37.39 ? 15  DC  C OP2   1 
ATOM   285 O "O5'" . DC  C 1 3 ? 1.964   -15.493 6.187   1.00 23.74 ? 15  DC  C "O5'" 1 
ATOM   286 C "C5'" . DC  C 1 3 ? 1.842   -14.730 4.979   1.00 23.35 ? 15  DC  C "C5'" 1 
ATOM   287 C "C4'" . DC  C 1 3 ? 2.263   -13.318 5.268   1.00 24.26 ? 15  DC  C "C4'" 1 
ATOM   288 O "O4'" . DC  C 1 3 ? 1.609   -12.824 6.466   1.00 24.38 ? 15  DC  C "O4'" 1 
ATOM   289 C "C3'" . DC  C 1 3 ? 3.735   -13.101 5.591   1.00 27.30 ? 15  DC  C "C3'" 1 
ATOM   290 O "O3'" . DC  C 1 3 ? 4.553   -13.129 4.432   1.00 28.73 ? 15  DC  C "O3'" 1 
ATOM   291 C "C2'" . DC  C 1 3 ? 3.723   -11.739 6.247   1.00 26.62 ? 15  DC  C "C2'" 1 
ATOM   292 C "C1'" . DC  C 1 3 ? 2.381   -11.746 6.968   1.00 24.70 ? 15  DC  C "C1'" 1 
ATOM   293 N N1    . DC  C 1 3 ? 2.535   -11.930 8.417   1.00 25.79 ? 15  DC  C N1    1 
ATOM   294 C C2    . DC  C 1 3 ? 2.955   -10.801 9.128   1.00 25.49 ? 15  DC  C C2    1 
ATOM   295 O O2    . DC  C 1 3 ? 3.153   -9.762  8.484   1.00 45.95 ? 15  DC  C O2    1 
ATOM   296 N N3    . DC  C 1 3 ? 3.120   -10.891 10.459  1.00 20.18 ? 15  DC  C N3    1 
ATOM   297 C C4    . DC  C 1 3 ? 2.886   -12.049 11.076  1.00 23.76 ? 15  DC  C C4    1 
ATOM   298 N N4    . DC  C 1 3 ? 3.069   -12.071 12.400  1.00 26.63 ? 15  DC  C N4    1 
ATOM   299 C C5    . DC  C 1 3 ? 2.460   -13.211 10.373  1.00 28.19 ? 15  DC  C C5    1 
ATOM   300 C C6    . DC  C 1 3 ? 2.295   -13.117 9.045   1.00 27.07 ? 15  DC  C C6    1 
ATOM   301 P P     . DG  C 1 4 ? 6.066   -13.653 4.587   1.00 26.47 ? 16  DG  C P     1 
ATOM   302 O OP1   . DG  C 1 4 ? 6.673   -13.783 3.235   1.00 35.67 ? 16  DG  C OP1   1 
ATOM   303 O OP2   . DG  C 1 4 ? 6.078   -14.844 5.487   1.00 38.99 ? 16  DG  C OP2   1 
ATOM   304 O "O5'" . DG  C 1 4 ? 6.790   -12.466 5.355   1.00 22.52 ? 16  DG  C "O5'" 1 
ATOM   305 C "C5'" . DG  C 1 4 ? 7.162   -11.255 4.699   1.00 18.56 ? 16  DG  C "C5'" 1 
ATOM   306 C "C4'" . DG  C 1 4 ? 7.749   -10.309 5.712   1.00 21.86 ? 16  DG  C "C4'" 1 
ATOM   307 O "O4'" . DG  C 1 4 ? 6.840   -10.100 6.826   1.00 24.61 ? 16  DG  C "O4'" 1 
ATOM   308 C "C3'" . DG  C 1 4 ? 9.025   -10.780 6.397   1.00 24.89 ? 16  DG  C "C3'" 1 
ATOM   309 O "O3'" . DG  C 1 4 ? 10.174  -10.584 5.584   1.00 26.74 ? 16  DG  C "O3'" 1 
ATOM   310 C "C2'" . DG  C 1 4 ? 9.069   -9.933  7.648   1.00 27.16 ? 16  DG  C "C2'" 1 
ATOM   311 C "C1'" . DG  C 1 4 ? 7.594   -9.759  7.978   1.00 24.17 ? 16  DG  C "C1'" 1 
ATOM   312 N N9    . DG  C 1 4 ? 7.198   -10.637 9.073   1.00 24.83 ? 16  DG  C N9    1 
ATOM   313 C C8    . DG  C 1 4 ? 6.520   -11.825 9.061   1.00 20.59 ? 16  DG  C C8    1 
ATOM   314 N N7    . DG  C 1 4 ? 6.349   -12.324 10.257  1.00 20.68 ? 16  DG  C N7    1 
ATOM   315 C C5    . DG  C 1 4 ? 6.954   -11.406 11.105  1.00 23.60 ? 16  DG  C C5    1 
ATOM   316 C C6    . DG  C 1 4 ? 7.100   -11.388 12.516  1.00 26.42 ? 16  DG  C C6    1 
ATOM   317 O O6    . DG  C 1 4 ? 6.703   -12.221 13.341  1.00 29.39 ? 16  DG  C O6    1 
ATOM   318 N N1    . DG  C 1 4 ? 7.785   -10.256 12.945  1.00 27.69 ? 16  DG  C N1    1 
ATOM   319 C C2    . DG  C 1 4 ? 8.275   -9.261  12.132  1.00 22.24 ? 16  DG  C C2    1 
ATOM   320 N N2    . DG  C 1 4 ? 8.912   -8.245  12.735  1.00 14.94 ? 16  DG  C N2    1 
ATOM   321 N N3    . DG  C 1 4 ? 8.149   -9.262  10.814  1.00 16.55 ? 16  DG  C N3    1 
ATOM   322 C C4    . DG  C 1 4 ? 7.483   -10.358 10.391  1.00 21.66 ? 16  DG  C C4    1 
ATOM   323 P P     . DC  C 1 5 ? 11.304  -11.729 5.596   1.00 23.32 ? 17  DC  C P     1 
ATOM   324 O OP1   . DC  C 1 5 ? 11.913  -11.822 4.244   1.00 32.80 ? 17  DC  C OP1   1 
ATOM   325 O OP2   . DC  C 1 5 ? 10.742  -12.968 6.217   1.00 33.76 ? 17  DC  C OP2   1 
ATOM   326 O "O5'" . DC  C 1 5 ? 12.391  -11.176 6.617   1.00 19.76 ? 17  DC  C "O5'" 1 
ATOM   327 C "C5'" . DC  C 1 5 ? 12.734  -9.796  6.663   1.00 22.23 ? 17  DC  C "C5'" 1 
ATOM   328 C "C4'" . DC  C 1 5 ? 13.267  -9.465  8.031   1.00 22.18 ? 17  DC  C "C4'" 1 
ATOM   329 O "O4'" . DC  C 1 5 ? 12.172  -9.345  8.980   1.00 18.54 ? 17  DC  C "O4'" 1 
ATOM   330 C "C3'" . DC  C 1 5 ? 14.168  -10.502 8.685   1.00 18.13 ? 17  DC  C "C3'" 1 
ATOM   331 O "O3'" . DC  C 1 5 ? 15.496  -10.478 8.190   1.00 26.68 ? 17  DC  C "O3'" 1 
ATOM   332 C "C2'" . DC  C 1 5 ? 14.104  -10.089 10.141  1.00 17.72 ? 17  DC  C "C2'" 1 
ATOM   333 C "C1'" . DC  C 1 5 ? 12.653  -9.663  10.271  1.00 16.34 ? 17  DC  C "C1'" 1 
ATOM   334 N N1    . DC  C 1 5 ? 11.805  -10.736 10.805  1.00 14.38 ? 17  DC  C N1    1 
ATOM   335 C C2    . DC  C 1 5 ? 11.712  -10.828 12.196  1.00 18.24 ? 17  DC  C C2    1 
ATOM   336 O O2    . DC  C 1 5 ? 12.350  -9.997  12.862  1.00 15.02 ? 17  DC  C O2    1 
ATOM   337 N N3    . DC  C 1 5 ? 10.944  -11.799 12.740  1.00 18.82 ? 17  DC  C N3    1 
ATOM   338 C C4    . DC  C 1 5 ? 10.295  -12.648 11.938  1.00 10.55 ? 17  DC  C C4    1 
ATOM   339 N N4    . DC  C 1 5 ? 9.548   -13.592 12.517  1.00 15.94 ? 17  DC  C N4    1 
ATOM   340 C C5    . DC  C 1 5 ? 10.381  -12.567 10.523  1.00 3.04  ? 17  DC  C C5    1 
ATOM   341 C C6    . DC  C 1 5 ? 11.143  -11.603 9.988   1.00 6.06  ? 17  DC  C C6    1 
ATOM   342 P P     . DC  C 1 6 ? 16.379  -11.824 8.337   1.00 29.05 ? 18  DC  C P     1 
ATOM   343 O OP1   . DC  C 1 6 ? 17.703  -11.613 7.702   1.00 11.94 ? 18  DC  C OP1   1 
ATOM   344 O OP2   . DC  C 1 6 ? 15.543  -12.981 7.909   1.00 28.19 ? 18  DC  C OP2   1 
ATOM   345 O "O5'" . DC  C 1 6 ? 16.600  -11.930 9.914   1.00 20.98 ? 18  DC  C "O5'" 1 
ATOM   346 C "C5'" . DC  C 1 6 ? 17.620  -11.152 10.544  1.00 15.34 ? 18  DC  C "C5'" 1 
ATOM   347 C "C4'" . DC  C 1 6 ? 17.473  -11.286 12.033  1.00 12.91 ? 18  DC  C "C4'" 1 
ATOM   348 O "O4'" . DC  C 1 6 ? 16.072  -11.219 12.393  1.00 11.98 ? 18  DC  C "O4'" 1 
ATOM   349 C "C3'" . DC  C 1 6 ? 17.934  -12.606 12.640  1.00 15.81 ? 18  DC  C "C3'" 1 
ATOM   350 O "O3'" . DC  C 1 6 ? 19.341  -12.652 12.828  1.00 33.01 ? 18  DC  C "O3'" 1 
ATOM   351 C "C2'" . DC  C 1 6 ? 17.179  -12.631 13.949  1.00 19.21 ? 18  DC  C "C2'" 1 
ATOM   352 C "C1'" . DC  C 1 6 ? 15.861  -11.947 13.590  1.00 19.52 ? 18  DC  C "C1'" 1 
ATOM   353 N N1    . DC  C 1 6 ? 14.777  -12.926 13.391  1.00 13.90 ? 18  DC  C N1    1 
ATOM   354 C C2    . DC  C 1 6 ? 14.170  -13.435 14.543  1.00 10.33 ? 18  DC  C C2    1 
ATOM   355 O O2    . DC  C 1 6 ? 14.567  -13.044 15.648  1.00 17.09 ? 18  DC  C O2    1 
ATOM   356 N N3    . DC  C 1 6 ? 13.172  -14.336 14.422  1.00 12.25 ? 18  DC  C N3    1 
ATOM   357 C C4    . DC  C 1 6 ? 12.780  -14.727 13.208  1.00 13.24 ? 18  DC  C C4    1 
ATOM   358 N N4    . DC  C 1 6 ? 11.788  -15.619 13.161  1.00 21.81 ? 18  DC  C N4    1 
ATOM   359 C C5    . DC  C 1 6 ? 13.380  -14.226 12.018  1.00 6.83  ? 18  DC  C C5    1 
ATOM   360 C C6    . DC  C 1 6 ? 14.372  -13.331 12.153  1.00 7.67  ? 18  DC  C C6    1 
ATOM   361 O "O5'" . DG  D 1 1 ? 7.611   -18.988 21.929  1.00 18.60 ? 19  DG  D "O5'" 1 
ATOM   362 C "C5'" . DG  D 1 1 ? 8.276   -18.732 23.160  1.00 9.86  ? 19  DG  D "C5'" 1 
ATOM   363 C "C4'" . DG  D 1 1 ? 9.543   -17.956 22.935  1.00 11.92 ? 19  DG  D "C4'" 1 
ATOM   364 O "O4'" . DG  D 1 1 ? 10.256  -18.481 21.786  1.00 10.80 ? 19  DG  D "O4'" 1 
ATOM   365 C "C3'" . DG  D 1 1 ? 9.385   -16.476 22.594  1.00 14.29 ? 19  DG  D "C3'" 1 
ATOM   366 O "O3'" . DG  D 1 1 ? 9.105   -15.692 23.740  1.00 23.35 ? 19  DG  D "O3'" 1 
ATOM   367 C "C2'" . DG  D 1 1 ? 10.727  -16.159 21.976  1.00 12.63 ? 19  DG  D "C2'" 1 
ATOM   368 C "C1'" . DG  D 1 1 ? 11.072  -17.444 21.242  1.00 13.71 ? 19  DG  D "C1'" 1 
ATOM   369 N N9    . DG  D 1 1 ? 10.789  -17.411 19.811  1.00 15.91 ? 19  DG  D N9    1 
ATOM   370 C C8    . DG  D 1 1 ? 9.774   -18.107 19.193  1.00 15.40 ? 19  DG  D C8    1 
ATOM   371 N N7    . DG  D 1 1 ? 9.728   -17.911 17.902  1.00 14.98 ? 19  DG  D N7    1 
ATOM   372 C C5    . DG  D 1 1 ? 10.774  -17.033 17.653  1.00 19.95 ? 19  DG  D C5    1 
ATOM   373 C C6    . DG  D 1 1 ? 11.205  -16.468 16.426  1.00 23.68 ? 19  DG  D C6    1 
ATOM   374 O O6    . DG  D 1 1 ? 10.739  -16.632 15.289  1.00 28.54 ? 19  DG  D O6    1 
ATOM   375 N N1    . DG  D 1 1 ? 12.297  -15.633 16.618  1.00 25.13 ? 19  DG  D N1    1 
ATOM   376 C C2    . DG  D 1 1 ? 12.893  -15.378 17.829  1.00 25.58 ? 19  DG  D C2    1 
ATOM   377 N N2    . DG  D 1 1 ? 13.937  -14.537 17.786  1.00 29.82 ? 19  DG  D N2    1 
ATOM   378 N N3    . DG  D 1 1 ? 12.500  -15.899 18.979  1.00 22.96 ? 19  DG  D N3    1 
ATOM   379 C C4    . DG  D 1 1 ? 11.436  -16.717 18.822  1.00 20.06 ? 19  DG  D C4    1 
ATOM   380 P P     . DG  D 1 2 ? 7.996   -14.520 23.682  1.00 23.94 ? 20  DG  D P     1 
ATOM   381 O OP1   . DG  D 1 2 ? 7.631   -14.118 25.069  1.00 31.86 ? 20  DG  D OP1   1 
ATOM   382 O OP2   . DG  D 1 2 ? 6.921   -14.914 22.740  1.00 32.67 ? 20  DG  D OP2   1 
ATOM   383 O "O5'" . DG  D 1 2 ? 8.828   -13.305 23.044  1.00 19.51 ? 20  DG  D "O5'" 1 
ATOM   384 C "C5'" . DG  D 1 2 ? 10.170  -13.132 23.494  1.00 22.18 ? 20  DG  D "C5'" 1 
ATOM   385 C "C4'" . DG  D 1 2 ? 10.923  -12.036 22.796  1.00 24.91 ? 20  DG  D "C4'" 1 
ATOM   386 O "O4'" . DG  D 1 2 ? 11.615  -12.576 21.635  1.00 29.86 ? 20  DG  D "O4'" 1 
ATOM   387 C "C3'" . DG  D 1 2 ? 10.087  -10.894 22.226  1.00 25.22 ? 20  DG  D "C3'" 1 
ATOM   388 O "O3'" . DG  D 1 2 ? 9.768   -9.926  23.213  1.00 28.13 ? 20  DG  D "O3'" 1 
ATOM   389 C "C2'" . DG  D 1 2 ? 10.988  -10.348 21.141  1.00 24.65 ? 20  DG  D "C2'" 1 
ATOM   390 C "C1'" . DG  D 1 2 ? 11.639  -11.608 20.589  1.00 28.55 ? 20  DG  D "C1'" 1 
ATOM   391 N N9    . DG  D 1 2 ? 10.940  -12.202 19.449  1.00 22.83 ? 20  DG  D N9    1 
ATOM   392 C C8    . DG  D 1 2 ? 9.921   -13.120 19.482  1.00 14.22 ? 20  DG  D C8    1 
ATOM   393 N N7    . DG  D 1 2 ? 9.502   -13.462 18.295  1.00 14.96 ? 20  DG  D N7    1 
ATOM   394 C C5    . DG  D 1 2 ? 10.294  -12.726 17.424  1.00 18.53 ? 20  DG  D C5    1 
ATOM   395 C C6    . DG  D 1 2 ? 10.308  -12.673 16.006  1.00 21.22 ? 20  DG  D C6    1 
ATOM   396 O O6    . DG  D 1 2 ? 9.598   -13.287 15.199  1.00 37.50 ? 20  DG  D O6    1 
ATOM   397 N N1    . DG  D 1 2 ? 11.274  -11.792 15.527  1.00 13.37 ? 20  DG  D N1    1 
ATOM   398 C C2    . DG  D 1 2 ? 12.120  -11.055 16.320  1.00 19.46 ? 20  DG  D C2    1 
ATOM   399 N N2    . DG  D 1 2 ? 12.986  -10.259 15.673  1.00 35.86 ? 20  DG  D N2    1 
ATOM   400 N N3    . DG  D 1 2 ? 12.122  -11.091 17.642  1.00 19.08 ? 20  DG  D N3    1 
ATOM   401 C C4    . DG  D 1 2 ? 11.188  -11.943 18.122  1.00 19.75 ? 20  DG  D C4    1 
ATOM   402 P P     . DC  D 1 3 ? 8.565   -8.881  22.984  1.00 34.19 ? 21  DC  D P     1 
ATOM   403 O OP1   . DC  D 1 3 ? 8.707   -7.780  23.980  1.00 24.74 ? 21  DC  D OP1   1 
ATOM   404 O OP2   . DC  D 1 3 ? 7.266   -9.600  22.883  1.00 25.23 ? 21  DC  D OP2   1 
ATOM   405 O "O5'" . DC  D 1 3 ? 8.852   -8.274  21.533  1.00 40.99 ? 21  DC  D "O5'" 1 
ATOM   406 C "C5'" . DC  D 1 3 ? 9.669   -7.121  21.354  1.00 37.30 ? 21  DC  D "C5'" 1 
ATOM   407 C "C4'" . DC  D 1 3 ? 9.857   -6.769  19.905  1.00 31.19 ? 21  DC  D "C4'" 1 
ATOM   408 O "O4'" . DC  D 1 3 ? 10.234  -7.942  19.127  1.00 29.35 ? 21  DC  D "O4'" 1 
ATOM   409 C "C3'" . DC  D 1 3 ? 8.627   -6.257  19.151  1.00 26.71 ? 21  DC  D "C3'" 1 
ATOM   410 O "O3'" . DC  D 1 3 ? 8.309   -4.916  19.462  1.00 28.79 ? 21  DC  D "O3'" 1 
ATOM   411 C "C2'" . DC  D 1 3 ? 9.072   -6.435  17.715  1.00 20.32 ? 21  DC  D "C2'" 1 
ATOM   412 C "C1'" . DC  D 1 3 ? 9.799   -7.775  17.790  1.00 21.62 ? 21  DC  D "C1'" 1 
ATOM   413 N N1    . DC  D 1 3 ? 8.918   -8.888  17.423  1.00 19.80 ? 21  DC  D N1    1 
ATOM   414 C C2    . DC  D 1 3 ? 8.837   -9.254  16.079  1.00 23.03 ? 21  DC  D C2    1 
ATOM   415 O O2    . DC  D 1 3 ? 9.520   -8.617  15.261  1.00 35.66 ? 21  DC  D O2    1 
ATOM   416 N N3    . DC  D 1 3 ? 8.026   -10.277 15.725  1.00 16.77 ? 21  DC  D N3    1 
ATOM   417 C C4    . DC  D 1 3 ? 7.323   -10.913 16.663  1.00 19.20 ? 21  DC  D C4    1 
ATOM   418 N N4    . DC  D 1 3 ? 6.531   -11.920 16.285  1.00 15.73 ? 21  DC  D N4    1 
ATOM   419 C C5    . DC  D 1 3 ? 7.386   -10.559 18.042  1.00 18.95 ? 21  DC  D C5    1 
ATOM   420 C C6    . DC  D 1 3 ? 8.191   -9.547  18.374  1.00 21.85 ? 21  DC  D C6    1 
ATOM   421 P P     . DG  D 1 4 ? 6.805   -4.357  19.422  1.00 33.67 ? 22  DG  D P     1 
ATOM   422 O OP1   . DG  D 1 4 ? 6.826   -2.934  19.880  1.00 40.97 ? 22  DG  D OP1   1 
ATOM   423 O OP2   . DG  D 1 4 ? 5.835   -5.301  20.039  1.00 25.94 ? 22  DG  D OP2   1 
ATOM   424 O "O5'" . DG  D 1 4 ? 6.470   -4.358  17.853  1.00 31.74 ? 22  DG  D "O5'" 1 
ATOM   425 C "C5'" . DG  D 1 4 ? 7.169   -3.422  17.026  1.00 25.02 ? 22  DG  D "C5'" 1 
ATOM   426 C "C4'" . DG  D 1 4 ? 6.777   -3.644  15.594  1.00 14.47 ? 22  DG  D "C4'" 1 
ATOM   427 O "O4'" . DG  D 1 4 ? 7.259   -4.933  15.144  1.00 12.55 ? 22  DG  D "O4'" 1 
ATOM   428 C "C3'" . DG  D 1 4 ? 5.286   -3.716  15.314  1.00 10.78 ? 22  DG  D "C3'" 1 
ATOM   429 O "O3'" . DG  D 1 4 ? 4.685   -2.430  15.265  1.00 20.30 ? 22  DG  D "O3'" 1 
ATOM   430 C "C2'" . DG  D 1 4 ? 5.264   -4.418  13.977  1.00 9.93  ? 22  DG  D "C2'" 1 
ATOM   431 C "C1'" . DG  D 1 4 ? 6.383   -5.439  14.160  1.00 14.71 ? 22  DG  D "C1'" 1 
ATOM   432 N N9    . DG  D 1 4 ? 5.855   -6.718  14.612  1.00 14.62 ? 22  DG  D N9    1 
ATOM   433 C C8    . DG  D 1 4 ? 5.774   -7.246  15.869  1.00 15.30 ? 22  DG  D C8    1 
ATOM   434 N N7    . DG  D 1 4 ? 5.230   -8.436  15.884  1.00 16.53 ? 22  DG  D N7    1 
ATOM   435 C C5    . DG  D 1 4 ? 4.937   -8.700  14.552  1.00 12.60 ? 22  DG  D C5    1 
ATOM   436 C C6    . DG  D 1 4 ? 4.340   -9.826  13.932  1.00 10.75 ? 22  DG  D C6    1 
ATOM   437 O O6    . DG  D 1 4 ? 3.924   -10.877 14.441  1.00 27.01 ? 22  DG  D O6    1 
ATOM   438 N N1    . DG  D 1 4 ? 4.249   -9.639  12.561  1.00 14.29 ? 22  DG  D N1    1 
ATOM   439 C C2    . DG  D 1 4 ? 4.664   -8.538  11.857  1.00 16.69 ? 22  DG  D C2    1 
ATOM   440 N N2    . DG  D 1 4 ? 4.482   -8.563  10.531  1.00 26.39 ? 22  DG  D N2    1 
ATOM   441 N N3    . DG  D 1 4 ? 5.223   -7.478  12.417  1.00 11.69 ? 22  DG  D N3    1 
ATOM   442 C C4    . DG  D 1 4 ? 5.317   -7.648  13.753  1.00 13.14 ? 22  DG  D C4    1 
ATOM   443 P P     . DC  D 1 5 ? 3.111   -2.325  15.596  1.00 29.38 ? 23  DC  D P     1 
ATOM   444 O OP1   . DC  D 1 5 ? 2.716   -0.896  15.696  1.00 61.39 ? 23  DC  D OP1   1 
ATOM   445 O OP2   . DC  D 1 5 ? 2.794   -3.222  16.745  1.00 47.65 ? 23  DC  D OP2   1 
ATOM   446 O "O5'" . DC  D 1 5 ? 2.439   -2.959  14.290  1.00 20.35 ? 23  DC  D "O5'" 1 
ATOM   447 C "C5'" . DC  D 1 5 ? 2.419   -2.229  13.068  1.00 18.09 ? 23  DC  D "C5'" 1 
ATOM   448 C "C4'" . DC  D 1 5 ? 2.096   -3.103  11.890  1.00 19.34 ? 23  DC  D "C4'" 1 
ATOM   449 O "O4'" . DC  D 1 5 ? 2.748   -4.395  12.035  1.00 23.64 ? 23  DC  D "O4'" 1 
ATOM   450 C "C3'" . DC  D 1 5 ? 0.631   -3.476  11.690  1.00 16.80 ? 23  DC  D "C3'" 1 
ATOM   451 O "O3'" . DC  D 1 5 ? -0.115  -2.430  11.079  1.00 20.57 ? 23  DC  D "O3'" 1 
ATOM   452 C "C2'" . DC  D 1 5 ? 0.720   -4.707  10.816  1.00 11.41 ? 23  DC  D "C2'" 1 
ATOM   453 C "C1'" . DC  D 1 5 ? 1.999   -5.361  11.313  1.00 22.94 ? 23  DC  D "C1'" 1 
ATOM   454 N N1    . DC  D 1 5 ? 1.743   -6.486  12.228  1.00 28.93 ? 23  DC  D N1    1 
ATOM   455 C C2    . DC  D 1 5 ? 1.317   -7.674  11.627  1.00 29.90 ? 23  DC  D C2    1 
ATOM   456 O O2    . DC  D 1 5 ? 1.193   -7.682  10.397  1.00 33.70 ? 23  DC  D O2    1 
ATOM   457 N N3    . DC  D 1 5 ? 1.066   -8.739  12.408  1.00 34.97 ? 23  DC  D N3    1 
ATOM   458 C C4    . DC  D 1 5 ? 1.218   -8.665  13.730  1.00 32.60 ? 23  DC  D C4    1 
ATOM   459 N N4    . DC  D 1 5 ? 0.944   -9.775  14.426  1.00 19.10 ? 23  DC  D N4    1 
ATOM   460 C C5    . DC  D 1 5 ? 1.651   -7.464  14.363  1.00 29.54 ? 23  DC  D C5    1 
ATOM   461 C C6    . DC  D 1 5 ? 1.901   -6.400  13.581  1.00 28.35 ? 23  DC  D C6    1 
ATOM   462 P P     . DC  D 1 6 ? -1.574  -2.080  11.674  1.00 24.08 ? 24  DC  D P     1 
ATOM   463 O OP1   . DC  D 1 6 ? -1.976  -0.725  11.212  1.00 41.17 ? 24  DC  D OP1   1 
ATOM   464 O OP2   . DC  D 1 6 ? -1.596  -2.370  13.134  1.00 34.32 ? 24  DC  D OP2   1 
ATOM   465 O "O5'" . DC  D 1 6 ? -2.526  -3.154  10.953  1.00 21.26 ? 24  DC  D "O5'" 1 
ATOM   466 C "C5'" . DC  D 1 6 ? -2.444  -3.304  9.537   1.00 17.37 ? 24  DC  D "C5'" 1 
ATOM   467 C "C4'" . DC  D 1 6 ? -3.229  -4.470  8.997   1.00 10.03 ? 24  DC  D "C4'" 1 
ATOM   468 O "O4'" . DC  D 1 6 ? -2.545  -5.701  9.345   1.00 10.37 ? 24  DC  D "O4'" 1 
ATOM   469 C "C3'" . DC  D 1 6 ? -4.642  -4.643  9.539   1.00 13.32 ? 24  DC  D "C3'" 1 
ATOM   470 O "O3'" . DC  D 1 6 ? -5.602  -3.965  8.727   1.00 39.75 ? 24  DC  D "O3'" 1 
ATOM   471 C "C2'" . DC  D 1 6 ? -4.878  -6.132  9.535   1.00 10.93 ? 24  DC  D "C2'" 1 
ATOM   472 C "C1'" . DC  D 1 6 ? -3.491  -6.744  9.544   1.00 15.13 ? 24  DC  D "C1'" 1 
ATOM   473 N N1    . DC  D 1 6 ? -3.128  -7.399  10.816  1.00 15.55 ? 24  DC  D N1    1 
ATOM   474 C C2    . DC  D 1 6 ? -3.240  -8.786  10.933  1.00 18.22 ? 24  DC  D C2    1 
ATOM   475 O O2    . DC  D 1 6 ? -3.640  -9.450  9.970   1.00 37.89 ? 24  DC  D O2    1 
ATOM   476 N N3    . DC  D 1 6 ? -2.905  -9.381  12.100  1.00 15.27 ? 24  DC  D N3    1 
ATOM   477 C C4    . DC  D 1 6 ? -2.476  -8.638  13.120  1.00 16.19 ? 24  DC  D C4    1 
ATOM   478 N N4    . DC  D 1 6 ? -2.155  -9.256  14.257  1.00 24.33 ? 24  DC  D N4    1 
ATOM   479 C C5    . DC  D 1 6 ? -2.354  -7.223  13.028  1.00 15.32 ? 24  DC  D C5    1 
ATOM   480 C C6    . DC  D 1 6 ? -2.687  -6.648  11.868  1.00 14.50 ? 24  DC  D C6    1 
ATOM   481 O "O5'" . DG  E 1 1 ? -13.653 4.437   -15.036 1.00 35.46 ? 25  DG  E "O5'" 1 
ATOM   482 C "C5'" . DG  E 1 1 ? -14.882 4.518   -15.755 1.00 35.81 ? 25  DG  E "C5'" 1 
ATOM   483 C "C4'" . DG  E 1 1 ? -14.897 5.609   -16.801 1.00 27.49 ? 25  DG  E "C4'" 1 
ATOM   484 O "O4'" . DG  E 1 1 ? -15.347 6.850   -16.204 1.00 23.49 ? 25  DG  E "O4'" 1 
ATOM   485 C "C3'" . DG  E 1 1 ? -13.551 5.946   -17.423 1.00 27.06 ? 25  DG  E "C3'" 1 
ATOM   486 O "O3'" . DG  E 1 1 ? -13.317 5.199   -18.617 1.00 36.89 ? 25  DG  E "O3'" 1 
ATOM   487 C "C2'" . DG  E 1 1 ? -13.630 7.418   -17.719 1.00 26.78 ? 25  DG  E "C2'" 1 
ATOM   488 C "C1'" . DG  E 1 1 ? -14.688 7.964   -16.788 1.00 22.15 ? 25  DG  E "C1'" 1 
ATOM   489 N N9    . DG  E 1 1 ? -14.141 8.764   -15.689 1.00 23.67 ? 25  DG  E N9    1 
ATOM   490 C C8    . DG  E 1 1 ? -13.864 8.324   -14.418 1.00 25.62 ? 25  DG  E C8    1 
ATOM   491 N N7    . DG  E 1 1 ? -13.381 9.260   -13.645 1.00 21.57 ? 25  DG  E N7    1 
ATOM   492 C C5    . DG  E 1 1 ? -13.336 10.385  -14.454 1.00 18.10 ? 25  DG  E C5    1 
ATOM   493 C C6    . DG  E 1 1 ? -12.900 11.701  -14.158 1.00 23.55 ? 25  DG  E C6    1 
ATOM   494 O O6    . DG  E 1 1 ? -12.455 12.146  -13.091 1.00 32.78 ? 25  DG  E O6    1 
ATOM   495 N N1    . DG  E 1 1 ? -13.020 12.541  -15.262 1.00 25.94 ? 25  DG  E N1    1 
ATOM   496 C C2    . DG  E 1 1 ? -13.499 12.150  -16.491 1.00 17.46 ? 25  DG  E C2    1 
ATOM   497 N N2    . DG  E 1 1 ? -13.532 13.113  -17.417 1.00 20.49 ? 25  DG  E N2    1 
ATOM   498 N N3    . DG  E 1 1 ? -13.909 10.930  -16.781 1.00 12.81 ? 25  DG  E N3    1 
ATOM   499 C C4    . DG  E 1 1 ? -13.801 10.096  -15.721 1.00 17.96 ? 25  DG  E C4    1 
ATOM   500 P P     . DG  E 1 2 ? -11.807 4.793   -19.006 1.00 47.79 ? 26  DG  E P     1 
ATOM   501 O OP1   . DG  E 1 2 ? -11.818 3.588   -19.884 1.00 60.57 ? 26  DG  E OP1   1 
ATOM   502 O OP2   . DG  E 1 2 ? -10.973 4.749   -17.769 1.00 55.87 ? 26  DG  E OP2   1 
ATOM   503 O "O5'" . DG  E 1 2 ? -11.301 6.026   -19.883 1.00 42.90 ? 26  DG  E "O5'" 1 
ATOM   504 C "C5'" . DG  E 1 2 ? -12.219 6.815   -20.637 1.00 41.51 ? 26  DG  E "C5'" 1 
ATOM   505 C "C4'" . DG  E 1 2 ? -11.585 8.125   -21.028 1.00 32.79 ? 26  DG  E "C4'" 1 
ATOM   506 O "O4'" . DG  E 1 2 ? -11.999 9.192   -20.137 1.00 26.30 ? 26  DG  E "O4'" 1 
ATOM   507 C "C3'" . DG  E 1 2 ? -10.069 8.157   -20.940 1.00 30.55 ? 26  DG  E "C3'" 1 
ATOM   508 O "O3'" . DG  E 1 2 ? -9.445  7.554   -22.070 1.00 34.85 ? 26  DG  E "O3'" 1 
ATOM   509 C "C2'" . DG  E 1 2 ? -9.778  9.640   -20.850 1.00 28.61 ? 26  DG  E "C2'" 1 
ATOM   510 C "C1'" . DG  E 1 2 ? -10.932 10.125  -19.993 1.00 23.61 ? 26  DG  E "C1'" 1 
ATOM   511 N N9    . DG  E 1 2 ? -10.638 10.170  -18.568 1.00 22.25 ? 26  DG  E N9    1 
ATOM   512 C C8    . DG  E 1 2 ? -10.825 9.149   -17.671 1.00 16.91 ? 26  DG  E C8    1 
ATOM   513 N N7    . DG  E 1 2 ? -10.472 9.475   -16.459 1.00 21.99 ? 26  DG  E N7    1 
ATOM   514 C C5    . DG  E 1 2 ? -10.028 10.786  -16.563 1.00 26.59 ? 26  DG  E C5    1 
ATOM   515 C C6    . DG  E 1 2 ? -9.523  11.666  -15.571 1.00 40.06 ? 26  DG  E C6    1 
ATOM   516 O O6    . DG  E 1 2 ? -9.354  11.470  -14.359 1.00 54.03 ? 26  DG  E O6    1 
ATOM   517 N N1    . DG  E 1 2 ? -9.191  12.901  -16.119 1.00 40.99 ? 26  DG  E N1    1 
ATOM   518 C C2    . DG  E 1 2 ? -9.326  13.249  -17.441 1.00 36.35 ? 26  DG  E C2    1 
ATOM   519 N N2    . DG  E 1 2 ? -8.940  14.498  -17.738 1.00 32.30 ? 26  DG  E N2    1 
ATOM   520 N N3    . DG  E 1 2 ? -9.796  12.437  -18.373 1.00 29.61 ? 26  DG  E N3    1 
ATOM   521 C C4    . DG  E 1 2 ? -10.124 11.230  -17.864 1.00 25.49 ? 26  DG  E C4    1 
ATOM   522 P P     . DC  E 1 3 ? -7.893  7.139   -21.872 1.00 40.88 ? 27  DC  E P     1 
ATOM   523 O OP1   . DC  E 1 3 ? -7.339  6.685   -23.174 1.00 65.11 ? 27  DC  E OP1   1 
ATOM   524 O OP2   . DC  E 1 3 ? -7.767  6.253   -20.683 1.00 42.07 ? 27  DC  E OP2   1 
ATOM   525 O "O5'" . DC  E 1 3 ? -7.212  8.544   -21.505 1.00 35.35 ? 27  DC  E "O5'" 1 
ATOM   526 C "C5'" . DC  E 1 3 ? -6.123  9.012   -22.288 1.00 30.66 ? 27  DC  E "C5'" 1 
ATOM   527 C "C4'" . DC  E 1 3 ? -5.731  10.430  -21.988 1.00 30.98 ? 27  DC  E "C4'" 1 
ATOM   528 O "O4'" . DC  E 1 3 ? -6.691  11.106  -21.131 1.00 26.26 ? 27  DC  E "O4'" 1 
ATOM   529 C "C3'" . DC  E 1 3 ? -4.405  10.568  -21.229 1.00 31.49 ? 27  DC  E "C3'" 1 
ATOM   530 O "O3'" . DC  E 1 3 ? -3.295  10.380  -22.078 1.00 31.60 ? 27  DC  E "O3'" 1 
ATOM   531 C "C2'" . DC  E 1 3 ? -4.538  11.976  -20.682 1.00 24.12 ? 27  DC  E "C2'" 1 
ATOM   532 C "C1'" . DC  E 1 3 ? -5.992  11.965  -20.237 1.00 21.81 ? 27  DC  E "C1'" 1 
ATOM   533 N N1    . DC  E 1 3 ? -6.197  11.441  -18.879 1.00 18.21 ? 27  DC  E N1    1 
ATOM   534 C C2    . DC  E 1 3 ? -5.933  12.231  -17.763 1.00 16.56 ? 27  DC  E C2    1 
ATOM   535 O O2    . DC  E 1 3 ? -5.518  13.394  -17.877 1.00 27.66 ? 27  DC  E O2    1 
ATOM   536 N N3    . DC  E 1 3 ? -6.137  11.706  -16.534 1.00 17.38 ? 27  DC  E N3    1 
ATOM   537 C C4    . DC  E 1 3 ? -6.581  10.454  -16.404 1.00 16.94 ? 27  DC  E C4    1 
ATOM   538 N N4    . DC  E 1 3 ? -6.763  9.996   -15.162 1.00 6.60  ? 27  DC  E N4    1 
ATOM   539 C C5    . DC  E 1 3 ? -6.861  9.626   -17.526 1.00 17.10 ? 27  DC  E C5    1 
ATOM   540 C C6    . DC  E 1 3 ? -6.655  10.154  -18.739 1.00 15.76 ? 27  DC  E C6    1 
ATOM   541 P P     . DG  E 1 4 ? -1.978  9.576   -21.632 1.00 28.38 ? 28  DG  E P     1 
ATOM   542 O OP1   . DG  E 1 4 ? -1.085  9.440   -22.821 1.00 38.30 ? 28  DG  E OP1   1 
ATOM   543 O OP2   . DG  E 1 4 ? -2.362  8.346   -20.878 1.00 24.51 ? 28  DG  E OP2   1 
ATOM   544 O "O5'" . DG  E 1 4 ? -1.238  10.538  -20.603 1.00 30.36 ? 28  DG  E "O5'" 1 
ATOM   545 C "C5'" . DG  E 1 4 ? -0.743  11.822  -20.992 1.00 31.16 ? 28  DG  E "C5'" 1 
ATOM   546 C "C4'" . DG  E 1 4 ? -0.160  12.509  -19.780 1.00 28.54 ? 28  DG  E "C4'" 1 
ATOM   547 O "O4'" . DG  E 1 4 ? -1.197  12.815  -18.824 1.00 32.04 ? 28  DG  E "O4'" 1 
ATOM   548 C "C3'" . DG  E 1 4 ? 0.844   11.677  -18.999 1.00 28.94 ? 28  DG  E "C3'" 1 
ATOM   549 O "O3'" . DG  E 1 4 ? 2.154   11.828  -19.538 1.00 35.70 ? 28  DG  E "O3'" 1 
ATOM   550 C "C2'" . DG  E 1 4 ? 0.733   12.206  -17.590 1.00 29.83 ? 28  DG  E "C2'" 1 
ATOM   551 C "C1'" . DG  E 1 4 ? -0.719  12.642  -17.492 1.00 32.47 ? 28  DG  E "C1'" 1 
ATOM   552 N N9    . DG  E 1 4 ? -1.600  11.667  -16.850 1.00 21.15 ? 28  DG  E N9    1 
ATOM   553 C C8    . DG  E 1 4 ? -2.378  10.711  -17.451 1.00 19.59 ? 28  DG  E C8    1 
ATOM   554 N N7    . DG  E 1 4 ? -3.059  9.986   -16.604 1.00 17.28 ? 28  DG  E N7    1 
ATOM   555 C C5    . DG  E 1 4 ? -2.705  10.499  -15.362 1.00 17.21 ? 28  DG  E C5    1 
ATOM   556 C C6    . DG  E 1 4 ? -3.121  10.117  -14.062 1.00 21.28 ? 28  DG  E C6    1 
ATOM   557 O O6    . DG  E 1 4 ? -3.913  9.221   -13.737 1.00 33.10 ? 28  DG  E O6    1 
ATOM   558 N N1    . DG  E 1 4 ? -2.516  10.900  -13.085 1.00 18.17 ? 28  DG  E N1    1 
ATOM   559 C C2    . DG  E 1 4 ? -1.627  11.916  -13.333 1.00 17.87 ? 28  DG  E C2    1 
ATOM   560 N N2    . DG  E 1 4 ? -1.152  12.556  -12.258 1.00 11.60 ? 28  DG  E N2    1 
ATOM   561 N N3    . DG  E 1 4 ? -1.228  12.286  -14.536 1.00 22.46 ? 28  DG  E N3    1 
ATOM   562 C C4    . DG  E 1 4 ? -1.807  11.533  -15.498 1.00 20.00 ? 28  DG  E C4    1 
ATOM   563 P P     . DC  E 1 5 ? 3.166   10.577  -19.415 1.00 35.49 ? 29  DC  E P     1 
ATOM   564 O OP1   . DC  E 1 5 ? 4.456   10.913  -20.075 1.00 21.43 ? 29  DC  E OP1   1 
ATOM   565 O OP2   . DC  E 1 5 ? 2.439   9.338   -19.805 1.00 23.42 ? 29  DC  E OP2   1 
ATOM   566 O "O5'" . DC  E 1 5 ? 3.445   10.509  -17.840 1.00 35.38 ? 29  DC  E "O5'" 1 
ATOM   567 C "C5'" . DC  E 1 5 ? 4.217   11.530  -17.208 1.00 25.78 ? 29  DC  E "C5'" 1 
ATOM   568 C "C4'" . DC  E 1 5 ? 4.146   11.404  -15.712 1.00 21.85 ? 29  DC  E "C4'" 1 
ATOM   569 O "O4'" . DC  E 1 5 ? 2.771   11.503  -15.251 1.00 18.00 ? 29  DC  E "O4'" 1 
ATOM   570 C "C3'" . DC  E 1 5 ? 4.582   10.075  -15.112 1.00 25.36 ? 29  DC  E "C3'" 1 
ATOM   571 O "O3'" . DC  E 1 5 ? 5.990   9.916   -15.088 1.00 39.01 ? 29  DC  E "O3'" 1 
ATOM   572 C "C2'" . DC  E 1 5 ? 3.989   10.171  -13.724 1.00 22.09 ? 29  DC  E "C2'" 1 
ATOM   573 C "C1'" . DC  E 1 5 ? 2.647   10.820  -14.014 1.00 17.96 ? 29  DC  E "C1'" 1 
ATOM   574 N N1    . DC  E 1 5 ? 1.548   9.852   -14.148 1.00 14.94 ? 29  DC  E N1    1 
ATOM   575 C C2    . DC  E 1 5 ? 0.865   9.484   -12.989 1.00 7.40  ? 29  DC  E C2    1 
ATOM   576 O O2    . DC  E 1 5 ? 1.228   9.999   -11.923 1.00 15.08 ? 29  DC  E O2    1 
ATOM   577 N N3    . DC  E 1 5 ? -0.152  8.598   -13.063 1.00 7.62  ? 29  DC  E N3    1 
ATOM   578 C C4    . DC  E 1 5 ? -0.488  8.086   -14.245 1.00 10.86 ? 29  DC  E C4    1 
ATOM   579 N N4    . DC  E 1 5 ? -1.495  7.216   -14.273 1.00 19.10 ? 29  DC  E N4    1 
ATOM   580 C C5    . DC  E 1 5 ? 0.191   8.440   -15.447 1.00 20.83 ? 29  DC  E C5    1 
ATOM   581 C C6    . DC  E 1 5 ? 1.199   9.322   -15.359 1.00 21.30 ? 29  DC  E C6    1 
ATOM   582 P P     . DC  E 1 6 ? 6.607   8.549   -15.687 1.00 51.14 ? 30  DC  E P     1 
ATOM   583 O OP1   . DC  E 1 6 ? 7.896   8.849   -16.369 1.00 34.39 ? 30  DC  E OP1   1 
ATOM   584 O OP2   . DC  E 1 6 ? 5.550   7.820   -16.444 1.00 46.88 ? 30  DC  E OP2   1 
ATOM   585 O "O5'" . DC  E 1 6 ? 6.928   7.702   -14.371 1.00 66.14 ? 30  DC  E "O5'" 1 
ATOM   586 O "O3'" . DG  F 1 1 ? -7.454  4.282   -6.443  1.00 79.90 ? 31  DG  F "O3'" 1 
ATOM   587 P P     . DG  F 1 2 ? -7.939  5.708   -5.868  1.00 62.90 ? 32  DG  F P     1 
ATOM   588 O OP1   . DG  F 1 2 ? -8.686  5.506   -4.593  1.00 68.80 ? 32  DG  F OP1   1 
ATOM   589 O OP2   . DG  F 1 2 ? -8.598  6.486   -6.956  1.00 75.18 ? 32  DG  F OP2   1 
ATOM   590 O "O5'" . DG  F 1 2 ? -6.573  6.448   -5.510  1.00 47.79 ? 32  DG  F "O5'" 1 
ATOM   591 C "C5'" . DG  F 1 2 ? -5.956  6.248   -4.234  1.00 34.45 ? 32  DG  F "C5'" 1 
ATOM   592 C "C4'" . DG  F 1 2 ? -4.511  6.663   -4.331  1.00 24.96 ? 32  DG  F "C4'" 1 
ATOM   593 O "O4'" . DG  F 1 2 ? -3.847  5.910   -5.369  1.00 28.66 ? 32  DG  F "O4'" 1 
ATOM   594 C "C3'" . DG  F 1 2 ? -4.283  8.114   -4.718  1.00 19.69 ? 32  DG  F "C3'" 1 
ATOM   595 O "O3'" . DG  F 1 2 ? -4.289  8.952   -3.560  1.00 22.00 ? 32  DG  F "O3'" 1 
ATOM   596 C "C2'" . DG  F 1 2 ? -2.947  8.105   -5.418  1.00 18.49 ? 32  DG  F "C2'" 1 
ATOM   597 C "C1'" . DG  F 1 2 ? -2.804  6.696   -5.952  1.00 24.21 ? 32  DG  F "C1'" 1 
ATOM   598 N N9    . DG  F 1 2 ? -2.985  6.543   -7.397  1.00 22.61 ? 32  DG  F N9    1 
ATOM   599 C C8    . DG  F 1 2 ? -3.965  5.766   -7.975  1.00 21.69 ? 32  DG  F C8    1 
ATOM   600 N N7    . DG  F 1 2 ? -3.928  5.782   -9.280  1.00 18.78 ? 32  DG  F N7    1 
ATOM   601 C C5    . DG  F 1 2 ? -2.863  6.618   -9.579  1.00 15.54 ? 32  DG  F C5    1 
ATOM   602 C C6    . DG  F 1 2 ? -2.351  7.008   -10.841 1.00 15.43 ? 32  DG  F C6    1 
ATOM   603 O O6    . DG  F 1 2 ? -2.762  6.675   -11.960 1.00 25.88 ? 32  DG  F O6    1 
ATOM   604 N N1    . DG  F 1 2 ? -1.264  7.865   -10.716 1.00 16.54 ? 32  DG  F N1    1 
ATOM   605 C C2    . DG  F 1 2 ? -0.745  8.284   -9.512  1.00 15.85 ? 32  DG  F C2    1 
ATOM   606 N N2    . DG  F 1 2 ? 0.305   9.108   -9.599  1.00 4.60  ? 32  DG  F N2    1 
ATOM   607 N N3    . DG  F 1 2 ? -1.210  7.928   -8.327  1.00 13.91 ? 32  DG  F N3    1 
ATOM   608 C C4    . DG  F 1 2 ? -2.270  7.094   -8.426  1.00 17.54 ? 32  DG  F C4    1 
ATOM   609 P P     . DC  F 1 3 ? -5.075  10.356  -3.701  1.00 30.85 ? 33  DC  F P     1 
ATOM   610 O OP1   . DC  F 1 3 ? -5.312  10.934  -2.354  1.00 42.17 ? 33  DC  F OP1   1 
ATOM   611 O OP2   . DC  F 1 3 ? -6.223  10.173  -4.639  1.00 32.99 ? 33  DC  F OP2   1 
ATOM   612 O "O5'" . DC  F 1 3 ? -4.018  11.290  -4.445  1.00 28.32 ? 33  DC  F "O5'" 1 
ATOM   613 C "C5'" . DC  F 1 3 ? -2.749  11.578  -3.858  1.00 28.03 ? 33  DC  F "C5'" 1 
ATOM   614 C "C4'" . DC  F 1 3 ? -1.965  12.444  -4.812  1.00 28.70 ? 33  DC  F "C4'" 1 
ATOM   615 O "O4'" . DC  F 1 3 ? -1.416  11.628  -5.872  1.00 23.14 ? 33  DC  F "O4'" 1 
ATOM   616 C "C3'" . DC  F 1 3 ? -2.753  13.509  -5.555  1.00 28.52 ? 33  DC  F "C3'" 1 
ATOM   617 O "O3'" . DC  F 1 3 ? -2.937  14.701  -4.794  1.00 31.55 ? 33  DC  F "O3'" 1 
ATOM   618 C "C2'" . DC  F 1 3 ? -1.903  13.766  -6.779  1.00 25.85 ? 33  DC  F "C2'" 1 
ATOM   619 C "C1'" . DC  F 1 3 ? -1.359  12.382  -7.077  1.00 22.35 ? 33  DC  F "C1'" 1 
ATOM   620 N N1    . DC  F 1 3 ? -2.134  11.628  -8.078  1.00 23.45 ? 33  DC  F N1    1 
ATOM   621 C C2    . DC  F 1 3 ? -1.745  11.778  -9.412  1.00 19.42 ? 33  DC  F C2    1 
ATOM   622 O O2    . DC  F 1 3 ? -0.786  12.526  -9.655  1.00 42.56 ? 33  DC  F O2    1 
ATOM   623 N N3    . DC  F 1 3 ? -2.419  11.111  -10.367 1.00 15.50 ? 33  DC  F N3    1 
ATOM   624 C C4    . DC  F 1 3 ? -3.441  10.322  -10.036 1.00 17.28 ? 33  DC  F C4    1 
ATOM   625 N N4    . DC  F 1 3 ? -4.058  9.695   -11.043 1.00 17.22 ? 33  DC  F N4    1 
ATOM   626 C C5    . DC  F 1 3 ? -3.859  10.149  -8.686  1.00 16.37 ? 33  DC  F C5    1 
ATOM   627 C C6    . DC  F 1 3 ? -3.180  10.819  -7.743  1.00 20.47 ? 33  DC  F C6    1 
ATOM   628 P P     . DG  F 1 4 ? -4.125  15.672  -5.301  1.00 44.71 ? 34  DG  F P     1 
ATOM   629 O OP1   . DG  F 1 4 ? -4.040  16.970  -4.585  1.00 66.96 ? 34  DG  F OP1   1 
ATOM   630 O OP2   . DG  F 1 4 ? -5.419  14.931  -5.325  1.00 28.39 ? 34  DG  F OP2   1 
ATOM   631 O "O5'" . DG  F 1 4 ? -3.711  15.916  -6.827  1.00 45.74 ? 34  DG  F "O5'" 1 
ATOM   632 C "C5'" . DG  F 1 4 ? -3.909  17.195  -7.424  1.00 42.23 ? 34  DG  F "C5'" 1 
ATOM   633 C "C4'" . DG  F 1 4 ? -3.444  17.197  -8.852  1.00 37.62 ? 34  DG  F "C4'" 1 
ATOM   634 O "O4'" . DG  F 1 4 ? -3.052  15.875  -9.297  1.00 35.18 ? 34  DG  F "O4'" 1 
ATOM   635 C "C3'" . DG  F 1 4 ? -4.510  17.613  -9.865  1.00 33.56 ? 34  DG  F "C3'" 1 
ATOM   636 O "O3'" . DG  F 1 4 ? -4.690  19.023  -9.854  1.00 27.56 ? 34  DG  F "O3'" 1 
ATOM   637 C "C2'" . DG  F 1 4 ? -3.939  17.063  -11.148 1.00 33.90 ? 34  DG  F "C2'" 1 
ATOM   638 C "C1'" . DG  F 1 4 ? -3.269  15.773  -10.695 1.00 31.79 ? 34  DG  F "C1'" 1 
ATOM   639 N N9    . DG  F 1 4 ? -4.105  14.608  -10.931 1.00 24.46 ? 34  DG  F N9    1 
ATOM   640 C C8    . DG  F 1 4 ? -4.701  13.825  -9.972  1.00 25.71 ? 34  DG  F C8    1 
ATOM   641 N N7    . DG  F 1 4 ? -5.396  12.843  -10.481 1.00 23.88 ? 34  DG  F N7    1 
ATOM   642 C C5    . DG  F 1 4 ? -5.250  12.989  -11.854 1.00 21.96 ? 34  DG  F C5    1 
ATOM   643 C C6    . DG  F 1 4 ? -5.772  12.222  -12.924 1.00 23.40 ? 34  DG  F C6    1 
ATOM   644 O O6    . DG  F 1 4 ? -6.497  11.222  -12.889 1.00 35.24 ? 34  DG  F O6    1 
ATOM   645 N N1    . DG  F 1 4 ? -5.375  12.719  -14.158 1.00 19.71 ? 34  DG  F N1    1 
ATOM   646 C C2    . DG  F 1 4 ? -4.574  13.816  -14.350 1.00 26.88 ? 34  DG  F C2    1 
ATOM   647 N N2    . DG  F 1 4 ? -4.314  14.123  -15.632 1.00 28.23 ? 34  DG  F N2    1 
ATOM   648 N N3    . DG  F 1 4 ? -4.082  14.538  -13.359 1.00 26.74 ? 34  DG  F N3    1 
ATOM   649 C C4    . DG  F 1 4 ? -4.453  14.077  -12.147 1.00 21.92 ? 34  DG  F C4    1 
ATOM   650 P P     . DC  F 1 5 ? -6.183  19.626  -9.825  1.00 30.22 ? 35  DC  F P     1 
ATOM   651 O OP1   . DC  F 1 5 ? -6.192  20.892  -9.042  1.00 38.50 ? 35  DC  F OP1   1 
ATOM   652 O OP2   . DC  F 1 5 ? -7.166  18.567  -9.452  1.00 13.06 ? 35  DC  F OP2   1 
ATOM   653 O "O5'" . DC  F 1 5 ? -6.443  19.996  -11.356 1.00 30.31 ? 35  DC  F "O5'" 1 
ATOM   654 C "C5'" . DC  F 1 5 ? -5.390  19.967  -12.316 1.00 28.19 ? 35  DC  F "C5'" 1 
ATOM   655 C "C4'" . DC  F 1 5 ? -5.937  19.831  -13.718 1.00 25.66 ? 35  DC  F "C4'" 1 
ATOM   656 O "O4'" . DC  F 1 5 ? -5.656  18.501  -14.217 1.00 31.07 ? 35  DC  F "O4'" 1 
ATOM   657 C "C3'" . DC  F 1 5 ? -7.443  19.980  -13.869 1.00 27.98 ? 35  DC  F "C3'" 1 
ATOM   658 O "O3'" . DC  F 1 5 ? -7.823  21.338  -14.071 1.00 30.69 ? 35  DC  F "O3'" 1 
ATOM   659 C "C2'" . DC  F 1 5 ? -7.767  19.123  -15.071 1.00 28.56 ? 35  DC  F "C2'" 1 
ATOM   660 C "C1'" . DC  F 1 5 ? -6.763  17.986  -14.937 1.00 30.82 ? 35  DC  F "C1'" 1 
ATOM   661 N N1    . DC  F 1 5 ? -7.298  16.818  -14.210 1.00 22.20 ? 35  DC  F N1    1 
ATOM   662 C C2    . DC  F 1 5 ? -7.587  15.673  -14.955 1.00 19.17 ? 35  DC  F C2    1 
ATOM   663 O O2    . DC  F 1 5 ? -7.386  15.682  -16.180 1.00 34.24 ? 35  DC  F O2    1 
ATOM   664 N N3    . DC  F 1 5 ? -8.079  14.583  -14.329 1.00 17.93 ? 35  DC  F N3    1 
ATOM   665 C C4    . DC  F 1 5 ? -8.287  14.597  -13.014 1.00 19.01 ? 35  DC  F C4    1 
ATOM   666 N N4    . DC  F 1 5 ? -8.774  13.480  -12.466 1.00 13.31 ? 35  DC  F N4    1 
ATOM   667 C C5    . DC  F 1 5 ? -8.001  15.750  -12.231 1.00 17.11 ? 35  DC  F C5    1 
ATOM   668 C C6    . DC  F 1 5 ? -7.514  16.827  -12.862 1.00 19.02 ? 35  DC  F C6    1 
ATOM   669 P P     . DC  F 1 6 ? -9.357  21.766  -13.832 1.00 24.38 ? 36  DC  F P     1 
ATOM   670 O OP1   . DC  F 1 6 ? -9.561  23.160  -14.309 1.00 44.00 ? 36  DC  F OP1   1 
ATOM   671 O OP2   . DC  F 1 6 ? -9.767  21.418  -12.445 1.00 14.47 ? 36  DC  F OP2   1 
ATOM   672 O "O5'" . DC  F 1 6 ? -10.157 20.797  -14.816 1.00 25.46 ? 36  DC  F "O5'" 1 
ATOM   673 C "C5'" . DC  F 1 6 ? -10.611 21.277  -16.083 1.00 20.61 ? 36  DC  F "C5'" 1 
ATOM   674 C "C4'" . DC  F 1 6 ? -11.144 20.119  -16.871 1.00 19.29 ? 36  DC  F "C4'" 1 
ATOM   675 O "O4'" . DC  F 1 6 ? -10.357 18.918  -16.622 1.00 16.50 ? 36  DC  F "O4'" 1 
ATOM   676 C "C3'" . DC  F 1 6 ? -12.563 19.666  -16.534 1.00 21.03 ? 36  DC  F "C3'" 1 
ATOM   677 O "O3'" . DC  F 1 6 ? -13.561 20.557  -17.000 1.00 25.87 ? 36  DC  F "O3'" 1 
ATOM   678 C "C2'" . DC  F 1 6 ? -12.574 18.308  -17.226 1.00 16.19 ? 36  DC  F "C2'" 1 
ATOM   679 C "C1'" . DC  F 1 6 ? -11.200 17.790  -16.808 1.00 14.82 ? 36  DC  F "C1'" 1 
ATOM   680 N N1    . DC  F 1 6 ? -11.276 17.023  -15.563 1.00 20.78 ? 36  DC  F N1    1 
ATOM   681 C C2    . DC  F 1 6 ? -11.787 15.724  -15.625 1.00 20.59 ? 36  DC  F C2    1 
ATOM   682 O O2    . DC  F 1 6 ? -12.147 15.293  -16.730 1.00 16.54 ? 36  DC  F O2    1 
ATOM   683 N N3    . DC  F 1 6 ? -11.872 14.992  -14.493 1.00 22.93 ? 36  DC  F N3    1 
ATOM   684 C C4    . DC  F 1 6 ? -11.466 15.519  -13.335 1.00 19.25 ? 36  DC  F C4    1 
ATOM   685 N N4    . DC  F 1 6 ? -11.565 14.763  -12.238 1.00 24.23 ? 36  DC  F N4    1 
ATOM   686 C C5    . DC  F 1 6 ? -10.943 16.838  -13.246 1.00 15.41 ? 36  DC  F C5    1 
ATOM   687 C C6    . DC  F 1 6 ? -10.863 17.557  -14.372 1.00 19.87 ? 36  DC  F C6    1 
HETATM 688 O O     . HOH G 2 . ? 3.820   -0.007  -1.342  1.00 39.71 ? 101 HOH A O     1 
HETATM 689 O O     . HOH G 2 . ? 0.932   -8.544  -8.410  1.00 41.29 ? 106 HOH A O     1 
HETATM 690 O O     . HOH G 2 . ? 1.418   -1.760  -14.916 1.00 50.21 ? 109 HOH A O     1 
HETATM 691 O O     . HOH H 2 . ? -4.294  7.694   7.284   0.50 37.70 ? 103 HOH B O     1 
HETATM 692 O O     . HOH H 2 . ? -0.960  3.309   4.991   1.00 56.28 ? 110 HOH B O     1 
HETATM 693 O O     . HOH I 2 . ? 10.510  -16.977 10.624  1.00 44.15 ? 105 HOH C O     1 
HETATM 694 O O     . HOH I 2 . ? 21.188  -12.863 10.267  1.00 52.87 ? 108 HOH C O     1 
HETATM 695 O O     . HOH J 2 . ? 6.748   -15.221 15.042  1.00 33.50 ? 104 HOH D O     1 
HETATM 696 O O     . HOH K 2 . ? -0.430  5.450   -23.284 1.00 30.72 ? 102 HOH E O     1 
HETATM 697 O O     . HOH K 2 . ? -14.140 11.698  -20.434 1.00 43.62 ? 111 HOH E O     1 
HETATM 698 O O     . HOH K 2 . ? -17.046 15.980  -20.783 1.00 27.62 ? 112 HOH E O     1 
HETATM 699 O O     . HOH K 2 . ? -16.038 13.996  -19.698 1.00 32.31 ? 113 HOH E O     1 
HETATM 700 O O     . HOH L 2 . ? -9.904  13.705  -8.971  1.00 30.92 ? 107 HOH F O     1 
# 
